data_6OQ9
#
_entry.id   6OQ9
#
_entity_poly.entity_id   1
_entity_poly.type   'polypeptide(L)'
_entity_poly.pdbx_seq_one_letter_code
;GSVEKLTADAELQRLKNERHEEAELERLKSERHDHDKKEAERKALEDKLADY
;
_entity_poly.pdbx_strand_id   A
#
# COMPACT_ATOMS: atom_id res chain seq x y z
N GLY A 1 -30.93 9.49 3.87
CA GLY A 1 -29.86 8.93 3.05
C GLY A 1 -30.01 7.43 2.87
N SER A 2 -30.53 7.03 1.72
CA SER A 2 -30.76 5.63 1.44
C SER A 2 -29.43 4.88 1.23
N VAL A 3 -28.39 5.60 0.83
CA VAL A 3 -27.08 5.00 0.62
C VAL A 3 -26.30 4.98 1.94
N GLU A 4 -26.59 5.94 2.80
CA GLU A 4 -25.95 6.04 4.11
C GLU A 4 -26.13 4.76 4.88
N LYS A 5 -27.39 4.38 5.17
CA LYS A 5 -27.66 3.14 5.87
C LYS A 5 -26.94 3.19 7.21
N LEU A 6 -27.17 4.30 7.94
CA LEU A 6 -26.56 4.59 9.24
C LEU A 6 -25.19 5.26 9.10
N THR A 7 -24.31 4.68 8.30
CA THR A 7 -23.01 5.22 8.19
C THR A 7 -22.36 4.90 6.82
N ALA A 8 -22.28 5.87 5.92
CA ALA A 8 -21.50 5.68 4.68
C ALA A 8 -20.06 6.08 4.96
N ASP A 9 -19.90 6.82 6.05
CA ASP A 9 -18.61 7.30 6.51
C ASP A 9 -17.72 6.11 6.89
N ALA A 10 -18.31 5.15 7.59
CA ALA A 10 -17.59 3.93 8.00
C ALA A 10 -17.07 3.15 6.80
N GLU A 11 -17.77 3.22 5.68
CA GLU A 11 -17.38 2.47 4.50
C GLU A 11 -16.20 3.16 3.81
N LEU A 12 -16.30 4.48 3.71
CA LEU A 12 -15.22 5.27 3.12
C LEU A 12 -13.97 5.18 3.99
N GLN A 13 -14.17 4.96 5.29
CA GLN A 13 -13.06 4.79 6.24
C GLN A 13 -12.36 3.46 5.98
N ARG A 14 -13.15 2.40 5.85
CA ARG A 14 -12.61 1.08 5.58
C ARG A 14 -11.86 1.08 4.25
N LEU A 15 -12.46 1.73 3.26
CA LEU A 15 -11.86 1.84 1.94
C LEU A 15 -10.54 2.62 2.01
N LYS A 16 -10.52 3.66 2.84
CA LYS A 16 -9.32 4.49 3.04
C LYS A 16 -8.17 3.63 3.60
N ASN A 17 -8.49 2.73 4.52
CA ASN A 17 -7.49 1.86 5.12
C ASN A 17 -7.12 0.74 4.17
N GLU A 18 -8.09 0.34 3.36
CA GLU A 18 -7.89 -0.68 2.36
C GLU A 18 -6.80 -0.23 1.39
N ARG A 19 -6.87 1.04 1.00
CA ARG A 19 -5.90 1.60 0.08
C ARG A 19 -4.52 1.67 0.74
N HIS A 20 -4.51 1.95 2.06
CA HIS A 20 -3.24 1.99 2.81
C HIS A 20 -2.50 0.66 2.67
N GLU A 21 -3.25 -0.42 2.73
CA GLU A 21 -2.69 -1.76 2.60
C GLU A 21 -2.17 -2.00 1.19
N GLU A 22 -2.80 -1.36 0.22
CA GLU A 22 -2.44 -1.55 -1.18
C GLU A 22 -1.22 -0.72 -1.54
N ALA A 23 -1.08 0.42 -0.88
CA ALA A 23 0.03 1.33 -1.17
C ALA A 23 1.28 0.83 -0.46
N GLU A 24 1.07 0.11 0.63
CA GLU A 24 2.16 -0.47 1.38
C GLU A 24 2.78 -1.58 0.56
N LEU A 25 1.93 -2.44 0.00
CA LEU A 25 2.38 -3.52 -0.85
C LEU A 25 3.12 -2.97 -2.08
N GLU A 26 2.67 -1.81 -2.56
CA GLU A 26 3.35 -1.13 -3.67
C GLU A 26 4.81 -0.85 -3.30
N ARG A 27 5.00 -0.36 -2.09
CA ARG A 27 6.33 -0.04 -1.58
C ARG A 27 7.09 -1.29 -1.20
N LEU A 28 6.37 -2.27 -0.66
CA LEU A 28 6.97 -3.54 -0.24
C LEU A 28 7.61 -4.24 -1.42
N LYS A 29 6.90 -4.28 -2.55
CA LYS A 29 7.41 -4.92 -3.76
C LYS A 29 8.57 -4.13 -4.34
N SER A 30 8.69 -2.87 -3.96
CA SER A 30 9.76 -2.02 -4.46
C SER A 30 11.06 -2.33 -3.69
N GLU A 31 10.93 -2.45 -2.39
CA GLU A 31 12.07 -2.76 -1.53
C GLU A 31 12.52 -4.21 -1.73
N ARG A 32 11.58 -5.13 -1.58
CA ARG A 32 11.83 -6.56 -1.67
C ARG A 32 12.30 -6.97 -3.06
N HIS A 33 12.03 -6.12 -4.06
CA HIS A 33 12.40 -6.38 -5.46
C HIS A 33 13.87 -6.79 -5.60
N ASP A 34 14.73 -6.21 -4.78
CA ASP A 34 16.18 -6.52 -4.85
C ASP A 34 16.53 -7.69 -3.93
N HIS A 35 15.58 -8.07 -3.11
CA HIS A 35 15.79 -9.11 -2.12
C HIS A 35 15.36 -10.46 -2.66
N ASP A 36 14.65 -10.45 -3.80
CA ASP A 36 14.15 -11.69 -4.41
C ASP A 36 15.30 -12.55 -4.91
N LYS A 37 16.39 -11.90 -5.29
CA LYS A 37 17.58 -12.60 -5.77
C LYS A 37 18.29 -13.29 -4.60
N LYS A 38 17.95 -12.87 -3.40
CA LYS A 38 18.54 -13.41 -2.19
C LYS A 38 17.62 -14.45 -1.56
N GLU A 39 16.33 -14.13 -1.49
CA GLU A 39 15.34 -15.01 -0.91
C GLU A 39 13.95 -14.70 -1.47
N ALA A 40 13.09 -15.71 -1.47
CA ALA A 40 11.72 -15.56 -1.94
C ALA A 40 10.87 -14.86 -0.87
N GLU A 41 11.07 -13.52 -0.70
CA GLU A 41 10.36 -12.72 0.32
C GLU A 41 8.85 -12.95 0.35
N ARG A 42 8.25 -13.10 -0.82
CA ARG A 42 6.87 -13.26 -0.95
C ARG A 42 6.61 -13.78 -2.33
N LYS A 43 5.59 -14.53 -2.46
CA LYS A 43 5.17 -15.13 -3.74
C LYS A 43 5.17 -14.12 -4.90
N ALA A 44 4.75 -12.89 -4.64
CA ALA A 44 4.78 -11.83 -5.68
C ALA A 44 6.19 -11.64 -6.25
N LEU A 45 7.19 -11.91 -5.41
CA LEU A 45 8.59 -11.82 -5.80
C LEU A 45 9.06 -13.18 -6.31
N GLU A 46 8.63 -14.22 -5.62
CA GLU A 46 8.97 -15.62 -5.95
C GLU A 46 8.48 -15.98 -7.35
N ASP A 47 7.36 -15.40 -7.75
CA ASP A 47 6.76 -15.68 -9.06
C ASP A 47 7.70 -15.21 -10.17
N LYS A 48 8.24 -14.01 -10.01
CA LYS A 48 9.23 -13.48 -10.93
C LYS A 48 10.38 -14.49 -11.13
N LEU A 49 10.84 -15.08 -10.04
CA LEU A 49 11.86 -16.11 -10.10
C LEU A 49 11.30 -17.36 -10.81
N ALA A 50 10.16 -17.82 -10.31
CA ALA A 50 9.46 -18.97 -10.86
C ALA A 50 8.96 -18.71 -12.29
N ASP A 51 9.87 -18.77 -13.24
CA ASP A 51 9.55 -18.54 -14.65
C ASP A 51 8.67 -19.65 -15.20
N TYR A 52 7.39 -19.38 -15.30
CA TYR A 52 6.43 -20.33 -15.83
C TYR A 52 5.41 -19.62 -16.71
N GLY A 1 -26.61 -2.49 1.67
CA GLY A 1 -26.29 -2.84 3.07
C GLY A 1 -26.91 -1.86 4.03
N SER A 2 -27.40 -2.37 5.17
CA SER A 2 -28.03 -1.53 6.18
C SER A 2 -27.05 -0.51 6.73
N VAL A 3 -25.93 -0.98 7.28
CA VAL A 3 -24.92 -0.09 7.86
C VAL A 3 -24.34 0.82 6.80
N GLU A 4 -24.26 0.29 5.59
CA GLU A 4 -23.78 1.04 4.43
C GLU A 4 -24.61 2.31 4.24
N LYS A 5 -25.92 2.15 4.32
CA LYS A 5 -26.85 3.25 4.16
C LYS A 5 -26.94 4.10 5.43
N LEU A 6 -26.76 3.47 6.57
CA LEU A 6 -26.89 4.15 7.86
C LEU A 6 -25.64 4.94 8.20
N THR A 7 -24.49 4.46 7.77
CA THR A 7 -23.26 5.12 8.04
C THR A 7 -22.29 4.87 6.86
N ALA A 8 -22.15 5.85 5.98
CA ALA A 8 -21.18 5.75 4.89
C ALA A 8 -19.79 6.04 5.39
N ASP A 9 -19.73 6.69 6.55
CA ASP A 9 -18.46 7.05 7.17
C ASP A 9 -17.64 5.81 7.39
N ALA A 10 -18.30 4.77 7.89
CA ALA A 10 -17.63 3.48 8.16
C ALA A 10 -17.11 2.84 6.88
N GLU A 11 -17.81 3.04 5.79
CA GLU A 11 -17.44 2.45 4.51
C GLU A 11 -16.27 3.23 3.91
N LEU A 12 -16.32 4.54 4.09
CA LEU A 12 -15.24 5.42 3.63
C LEU A 12 -13.94 5.06 4.34
N GLN A 13 -14.06 4.74 5.63
CA GLN A 13 -12.92 4.31 6.43
C GLN A 13 -12.27 3.08 5.84
N ARG A 14 -13.09 2.15 5.36
CA ARG A 14 -12.59 0.92 4.75
C ARG A 14 -11.73 1.25 3.55
N LEU A 15 -12.22 2.15 2.71
CA LEU A 15 -11.51 2.57 1.51
C LEU A 15 -10.18 3.22 1.86
N LYS A 16 -10.23 4.18 2.78
CA LYS A 16 -9.03 4.92 3.20
C LYS A 16 -7.97 3.97 3.78
N ASN A 17 -8.43 3.02 4.58
CA ASN A 17 -7.52 2.06 5.22
C ASN A 17 -7.00 1.05 4.22
N GLU A 18 -7.91 0.44 3.48
CA GLU A 18 -7.56 -0.60 2.51
C GLU A 18 -6.63 -0.08 1.43
N ARG A 19 -6.90 1.12 0.91
CA ARG A 19 -6.06 1.70 -0.14
C ARG A 19 -4.63 1.90 0.37
N HIS A 20 -4.49 2.23 1.66
CA HIS A 20 -3.16 2.41 2.24
C HIS A 20 -2.48 1.04 2.37
N GLU A 21 -3.27 0.02 2.64
CA GLU A 21 -2.76 -1.35 2.77
C GLU A 21 -2.28 -1.87 1.43
N GLU A 22 -3.05 -1.62 0.39
CA GLU A 22 -2.73 -2.09 -0.95
C GLU A 22 -1.54 -1.31 -1.49
N ALA A 23 -1.42 -0.07 -1.04
CA ALA A 23 -0.31 0.79 -1.45
C ALA A 23 0.92 0.47 -0.62
N GLU A 24 0.71 -0.22 0.47
CA GLU A 24 1.78 -0.61 1.38
C GLU A 24 2.56 -1.76 0.77
N LEU A 25 1.82 -2.74 0.23
CA LEU A 25 2.42 -3.86 -0.47
C LEU A 25 3.22 -3.35 -1.68
N GLU A 26 2.68 -2.33 -2.34
CA GLU A 26 3.35 -1.70 -3.47
C GLU A 26 4.70 -1.13 -3.06
N ARG A 27 4.75 -0.59 -1.84
CA ARG A 27 6.00 -0.06 -1.29
C ARG A 27 6.94 -1.18 -0.91
N LEU A 28 6.38 -2.31 -0.53
CA LEU A 28 7.17 -3.48 -0.15
C LEU A 28 7.85 -4.07 -1.39
N LYS A 29 7.13 -4.08 -2.50
CA LYS A 29 7.65 -4.61 -3.76
C LYS A 29 8.88 -3.83 -4.21
N SER A 30 8.72 -2.52 -4.37
CA SER A 30 9.82 -1.66 -4.80
C SER A 30 11.00 -1.74 -3.82
N GLU A 31 10.69 -1.73 -2.54
CA GLU A 31 11.71 -1.80 -1.51
C GLU A 31 12.50 -3.09 -1.62
N ARG A 32 11.79 -4.22 -1.56
CA ARG A 32 12.42 -5.55 -1.60
C ARG A 32 13.39 -5.71 -2.78
N HIS A 33 13.08 -5.08 -3.90
CA HIS A 33 13.93 -5.17 -5.08
C HIS A 33 15.12 -4.21 -5.00
N ASP A 34 14.85 -2.95 -4.73
CA ASP A 34 15.90 -1.91 -4.72
C ASP A 34 16.72 -1.93 -3.41
N HIS A 35 16.21 -2.65 -2.42
CA HIS A 35 16.88 -2.77 -1.10
C HIS A 35 18.30 -3.30 -1.23
N ASP A 36 18.56 -3.97 -2.34
CA ASP A 36 19.90 -4.52 -2.62
C ASP A 36 20.90 -3.41 -2.91
N LYS A 37 20.39 -2.21 -3.16
CA LYS A 37 21.24 -1.07 -3.45
C LYS A 37 20.91 0.08 -2.52
N LYS A 38 19.62 0.37 -2.38
CA LYS A 38 19.16 1.42 -1.51
C LYS A 38 18.00 0.91 -0.66
N GLU A 39 18.24 0.82 0.63
CA GLU A 39 17.22 0.35 1.57
C GLU A 39 15.93 1.18 1.50
N ALA A 40 16.05 2.50 1.60
CA ALA A 40 14.87 3.36 1.64
C ALA A 40 15.13 4.74 1.03
N GLU A 41 16.05 4.81 0.08
CA GLU A 41 16.35 6.07 -0.56
C GLU A 41 15.83 6.07 -1.97
N ARG A 42 14.56 6.22 -2.06
CA ARG A 42 13.89 6.33 -3.29
C ARG A 42 12.99 7.51 -3.22
N LYS A 43 13.19 8.34 -4.15
CA LYS A 43 12.48 9.60 -4.30
C LYS A 43 11.02 9.37 -4.67
N ALA A 44 10.71 8.15 -5.08
CA ALA A 44 9.35 7.82 -5.50
C ALA A 44 8.37 7.94 -4.32
N LEU A 45 8.81 7.45 -3.16
CA LEU A 45 7.97 7.50 -1.96
C LEU A 45 8.19 8.78 -1.18
N GLU A 46 9.33 9.42 -1.41
CA GLU A 46 9.65 10.67 -0.72
C GLU A 46 8.92 11.84 -1.37
N ASP A 47 8.80 11.80 -2.68
CA ASP A 47 8.14 12.87 -3.42
C ASP A 47 6.64 12.67 -3.41
N LYS A 48 6.22 11.43 -3.34
CA LYS A 48 4.83 11.09 -3.35
C LYS A 48 4.43 10.40 -2.02
N LEU A 49 3.99 11.19 -1.02
CA LEU A 49 3.63 10.63 0.30
C LEU A 49 2.46 9.64 0.21
N ALA A 50 1.42 10.01 -0.55
CA ALA A 50 0.24 9.15 -0.68
C ALA A 50 0.58 7.87 -1.44
N ASP A 51 0.97 8.04 -2.71
CA ASP A 51 1.39 6.91 -3.57
C ASP A 51 0.29 5.87 -3.71
N TYR A 52 -0.56 6.06 -4.70
CA TYR A 52 -1.65 5.14 -4.95
C TYR A 52 -2.21 5.39 -6.34
N GLY A 1 -30.73 8.00 0.99
CA GLY A 1 -31.53 7.47 2.10
C GLY A 1 -30.83 7.64 3.43
N SER A 2 -31.59 7.48 4.51
CA SER A 2 -31.06 7.64 5.86
C SER A 2 -30.07 6.54 6.20
N VAL A 3 -30.11 5.46 5.43
CA VAL A 3 -29.18 4.35 5.62
C VAL A 3 -27.73 4.83 5.41
N GLU A 4 -27.56 5.84 4.58
CA GLU A 4 -26.24 6.40 4.31
C GLU A 4 -25.76 7.24 5.48
N LYS A 5 -26.69 7.67 6.33
CA LYS A 5 -26.34 8.43 7.50
C LYS A 5 -25.79 7.53 8.59
N LEU A 6 -26.50 6.44 8.84
CA LEU A 6 -26.09 5.48 9.87
C LEU A 6 -25.00 4.52 9.37
N THR A 7 -24.59 4.70 8.12
CA THR A 7 -23.55 3.93 7.54
C THR A 7 -22.83 4.81 6.51
N ALA A 8 -21.70 5.38 6.88
CA ALA A 8 -20.91 6.20 5.98
C ALA A 8 -19.48 6.30 6.49
N ASP A 9 -19.34 6.51 7.78
CA ASP A 9 -18.04 6.61 8.41
C ASP A 9 -17.27 5.30 8.24
N ALA A 10 -17.98 4.21 8.44
CA ALA A 10 -17.41 2.87 8.25
C ALA A 10 -17.16 2.57 6.77
N GLU A 11 -17.93 3.22 5.90
CA GLU A 11 -17.80 3.01 4.46
C GLU A 11 -16.50 3.68 3.96
N LEU A 12 -16.33 4.93 4.36
CA LEU A 12 -15.14 5.70 3.99
C LEU A 12 -13.91 5.14 4.70
N GLN A 13 -14.14 4.51 5.84
CA GLN A 13 -13.07 3.94 6.67
C GLN A 13 -12.28 2.89 5.89
N ARG A 14 -12.97 1.85 5.43
CA ARG A 14 -12.30 0.76 4.71
C ARG A 14 -11.77 1.21 3.36
N LEU A 15 -12.42 2.21 2.77
CA LEU A 15 -12.01 2.66 1.44
C LEU A 15 -10.63 3.30 1.50
N LYS A 16 -10.37 4.01 2.58
CA LYS A 16 -9.09 4.67 2.76
C LYS A 16 -8.04 3.71 3.31
N ASN A 17 -8.44 2.91 4.30
CA ASN A 17 -7.52 1.98 4.95
C ASN A 17 -7.05 0.88 4.00
N GLU A 18 -7.97 0.32 3.24
CA GLU A 18 -7.65 -0.74 2.30
C GLU A 18 -6.73 -0.21 1.19
N ARG A 19 -7.06 0.96 0.69
CA ARG A 19 -6.26 1.59 -0.37
C ARG A 19 -4.85 1.87 0.12
N HIS A 20 -4.75 2.45 1.31
CA HIS A 20 -3.45 2.76 1.90
C HIS A 20 -2.67 1.49 2.20
N GLU A 21 -3.38 0.44 2.61
CA GLU A 21 -2.73 -0.83 2.95
C GLU A 21 -2.12 -1.45 1.69
N GLU A 22 -2.83 -1.33 0.57
CA GLU A 22 -2.33 -1.86 -0.69
C GLU A 22 -1.05 -1.15 -1.09
N ALA A 23 -1.05 0.18 -1.02
CA ALA A 23 0.13 0.99 -1.36
C ALA A 23 1.34 0.62 -0.51
N GLU A 24 1.07 0.22 0.73
CA GLU A 24 2.15 -0.17 1.64
C GLU A 24 2.82 -1.45 1.11
N LEU A 25 2.01 -2.44 0.76
CA LEU A 25 2.52 -3.68 0.17
C LEU A 25 3.11 -3.41 -1.22
N GLU A 26 2.51 -2.46 -1.91
CA GLU A 26 3.00 -1.99 -3.20
C GLU A 26 4.45 -1.52 -3.04
N ARG A 27 4.72 -0.84 -1.93
CA ARG A 27 6.05 -0.34 -1.59
C ARG A 27 6.98 -1.51 -1.26
N LEU A 28 6.41 -2.62 -0.80
CA LEU A 28 7.18 -3.81 -0.45
C LEU A 28 7.77 -4.41 -1.71
N LYS A 29 7.07 -4.23 -2.82
CA LYS A 29 7.55 -4.71 -4.10
C LYS A 29 8.82 -3.96 -4.47
N SER A 30 8.76 -2.64 -4.34
CA SER A 30 9.91 -1.79 -4.57
C SER A 30 11.08 -2.16 -3.67
N GLU A 31 10.79 -2.60 -2.43
CA GLU A 31 11.84 -3.04 -1.51
C GLU A 31 12.57 -4.23 -2.11
N ARG A 32 11.79 -5.15 -2.67
CA ARG A 32 12.34 -6.30 -3.39
C ARG A 32 13.24 -5.82 -4.54
N HIS A 33 12.89 -4.67 -5.10
CA HIS A 33 13.65 -4.08 -6.19
C HIS A 33 14.85 -3.30 -5.70
N ASP A 34 14.91 -3.02 -4.39
CA ASP A 34 16.10 -2.38 -3.81
C ASP A 34 17.31 -3.26 -4.02
N HIS A 35 17.07 -4.53 -4.34
CA HIS A 35 18.14 -5.47 -4.64
C HIS A 35 18.77 -5.15 -5.98
N ASP A 36 17.96 -4.60 -6.90
CA ASP A 36 18.46 -4.14 -8.21
C ASP A 36 19.44 -3.02 -7.99
N LYS A 37 19.20 -2.26 -6.95
CA LYS A 37 20.01 -1.12 -6.57
C LYS A 37 21.15 -1.55 -5.68
N LYS A 38 21.17 -2.82 -5.35
CA LYS A 38 22.18 -3.38 -4.47
C LYS A 38 23.24 -4.08 -5.29
N GLU A 39 22.80 -4.90 -6.24
CA GLU A 39 23.71 -5.64 -7.09
C GLU A 39 22.98 -6.05 -8.37
N ALA A 40 23.64 -5.88 -9.50
CA ALA A 40 23.04 -6.20 -10.80
C ALA A 40 23.21 -7.68 -11.16
N GLU A 41 23.57 -8.47 -10.17
CA GLU A 41 23.77 -9.89 -10.34
C GLU A 41 23.54 -10.61 -9.03
N ARG A 42 22.28 -10.82 -8.72
CA ARG A 42 21.86 -11.48 -7.54
C ARG A 42 20.58 -12.18 -7.83
N LYS A 43 20.59 -13.43 -7.54
CA LYS A 43 19.41 -14.28 -7.69
C LYS A 43 18.33 -13.91 -6.66
N ALA A 44 18.71 -13.09 -5.67
CA ALA A 44 17.79 -12.67 -4.61
C ALA A 44 16.48 -12.13 -5.17
N LEU A 45 16.56 -11.20 -6.13
CA LEU A 45 15.36 -10.65 -6.76
C LEU A 45 14.55 -11.73 -7.46
N GLU A 46 15.24 -12.58 -8.21
CA GLU A 46 14.60 -13.66 -8.95
C GLU A 46 13.88 -14.59 -8.00
N ASP A 47 14.55 -14.93 -6.90
CA ASP A 47 14.00 -15.84 -5.86
C ASP A 47 12.73 -15.26 -5.23
N LYS A 48 12.46 -13.99 -5.49
CA LYS A 48 11.26 -13.34 -4.98
C LYS A 48 10.15 -13.38 -6.03
N LEU A 49 10.44 -12.84 -7.22
CA LEU A 49 9.46 -12.84 -8.33
C LEU A 49 9.12 -14.26 -8.79
N ALA A 50 10.06 -15.16 -8.62
CA ALA A 50 9.89 -16.53 -9.05
C ALA A 50 10.42 -17.50 -8.01
N ASP A 51 9.94 -18.72 -8.06
CA ASP A 51 10.39 -19.76 -7.16
C ASP A 51 10.13 -21.12 -7.78
N TYR A 52 11.19 -21.92 -7.89
CA TYR A 52 11.12 -23.24 -8.51
C TYR A 52 10.63 -23.14 -9.95
N GLY A 1 -28.16 17.72 5.39
CA GLY A 1 -28.20 16.82 4.22
C GLY A 1 -28.65 15.43 4.59
N SER A 2 -27.74 14.49 4.52
CA SER A 2 -28.04 13.12 4.84
C SER A 2 -26.80 12.44 5.39
N VAL A 3 -26.99 11.40 6.17
CA VAL A 3 -25.90 10.66 6.77
C VAL A 3 -25.96 9.22 6.27
N GLU A 4 -27.02 8.95 5.49
CA GLU A 4 -27.26 7.65 4.89
C GLU A 4 -27.42 6.55 5.92
N LYS A 5 -28.57 6.56 6.66
CA LYS A 5 -28.83 5.57 7.71
C LYS A 5 -27.74 5.62 8.77
N LEU A 6 -27.09 6.79 8.85
CA LEU A 6 -25.99 7.00 9.77
C LEU A 6 -24.83 6.07 9.41
N THR A 7 -24.69 5.76 8.12
CA THR A 7 -23.67 4.88 7.69
C THR A 7 -23.19 5.30 6.29
N ALA A 8 -22.07 5.97 6.24
CA ALA A 8 -21.43 6.34 4.99
C ALA A 8 -19.95 6.52 5.20
N ASP A 9 -19.60 7.26 6.27
CA ASP A 9 -18.19 7.54 6.58
C ASP A 9 -17.45 6.24 6.86
N ALA A 10 -18.11 5.33 7.53
CA ALA A 10 -17.55 4.01 7.87
C ALA A 10 -17.15 3.23 6.61
N GLU A 11 -17.89 3.43 5.54
CA GLU A 11 -17.58 2.76 4.29
C GLU A 11 -16.36 3.40 3.65
N LEU A 12 -16.13 4.65 4.02
CA LEU A 12 -15.01 5.40 3.51
C LEU A 12 -13.75 5.02 4.27
N GLN A 13 -13.91 4.83 5.58
CA GLN A 13 -12.81 4.43 6.47
C GLN A 13 -12.21 3.11 6.00
N ARG A 14 -13.08 2.17 5.66
CA ARG A 14 -12.65 0.86 5.16
C ARG A 14 -11.81 1.03 3.90
N LEU A 15 -12.31 1.86 2.98
CA LEU A 15 -11.62 2.14 1.73
C LEU A 15 -10.22 2.70 1.98
N LYS A 16 -10.15 3.65 2.92
CA LYS A 16 -8.87 4.26 3.29
C LYS A 16 -7.87 3.21 3.74
N ASN A 17 -8.31 2.34 4.66
CA ASN A 17 -7.44 1.29 5.19
C ASN A 17 -7.02 0.34 4.10
N GLU A 18 -7.98 -0.07 3.29
CA GLU A 18 -7.74 -1.01 2.21
C GLU A 18 -6.76 -0.47 1.17
N ARG A 19 -6.96 0.77 0.74
CA ARG A 19 -6.08 1.36 -0.27
C ARG A 19 -4.72 1.70 0.34
N HIS A 20 -4.72 2.00 1.63
CA HIS A 20 -3.47 2.29 2.33
C HIS A 20 -2.65 1.01 2.42
N GLU A 21 -3.35 -0.08 2.73
CA GLU A 21 -2.72 -1.40 2.79
C GLU A 21 -2.17 -1.78 1.42
N GLU A 22 -2.82 -1.29 0.39
CA GLU A 22 -2.36 -1.52 -0.95
C GLU A 22 -1.09 -0.71 -1.22
N ALA A 23 -1.15 0.60 -0.97
CA ALA A 23 0.01 1.50 -1.10
C ALA A 23 1.26 0.94 -0.41
N GLU A 24 1.11 0.43 0.80
CA GLU A 24 2.27 -0.09 1.52
C GLU A 24 2.80 -1.35 0.84
N LEU A 25 1.89 -2.22 0.44
CA LEU A 25 2.25 -3.43 -0.31
C LEU A 25 2.98 -3.05 -1.60
N GLU A 26 2.44 -2.03 -2.27
CA GLU A 26 3.04 -1.51 -3.50
C GLU A 26 4.46 -0.97 -3.22
N ARG A 27 4.68 -0.50 -2.02
CA ARG A 27 6.01 -0.02 -1.62
C ARG A 27 6.89 -1.21 -1.24
N LEU A 28 6.29 -2.23 -0.66
CA LEU A 28 7.00 -3.43 -0.26
C LEU A 28 7.56 -4.18 -1.47
N LYS A 29 6.84 -4.12 -2.59
CA LYS A 29 7.29 -4.80 -3.79
C LYS A 29 8.52 -4.10 -4.37
N SER A 30 8.59 -2.79 -4.23
CA SER A 30 9.74 -2.06 -4.69
C SER A 30 10.92 -2.28 -3.75
N GLU A 31 10.64 -2.51 -2.46
CA GLU A 31 11.69 -2.82 -1.49
C GLU A 31 12.33 -4.14 -1.85
N ARG A 32 11.47 -5.10 -2.19
CA ARG A 32 11.91 -6.40 -2.68
C ARG A 32 13.00 -6.24 -3.76
N HIS A 33 12.75 -5.34 -4.70
CA HIS A 33 13.73 -5.05 -5.76
C HIS A 33 14.88 -4.22 -5.22
N ASP A 34 14.56 -3.32 -4.31
CA ASP A 34 15.55 -2.43 -3.67
C ASP A 34 16.65 -3.24 -3.00
N HIS A 35 16.26 -4.28 -2.29
CA HIS A 35 17.21 -5.17 -1.62
C HIS A 35 17.88 -6.12 -2.62
N ASP A 36 17.17 -6.42 -3.69
CA ASP A 36 17.69 -7.30 -4.75
C ASP A 36 18.78 -6.58 -5.55
N LYS A 37 18.67 -5.26 -5.61
CA LYS A 37 19.62 -4.45 -6.33
C LYS A 37 19.97 -3.21 -5.51
N LYS A 38 20.76 -3.42 -4.47
CA LYS A 38 21.24 -2.34 -3.59
C LYS A 38 22.23 -1.39 -4.32
N GLU A 39 22.08 -1.23 -5.61
CA GLU A 39 22.95 -0.37 -6.40
C GLU A 39 22.17 0.26 -7.56
N ALA A 40 21.62 1.46 -7.30
CA ALA A 40 20.78 2.19 -8.25
C ALA A 40 19.41 1.50 -8.41
N GLU A 41 18.37 2.21 -8.91
CA GLU A 41 17.03 1.66 -9.04
C GLU A 41 16.55 1.18 -7.68
N ARG A 42 16.07 2.11 -6.90
CA ARG A 42 15.71 1.88 -5.57
C ARG A 42 14.27 2.26 -5.41
N LYS A 43 13.74 1.81 -4.35
CA LYS A 43 12.32 1.97 -4.01
C LYS A 43 11.85 3.43 -4.04
N ALA A 44 12.58 4.33 -3.37
CA ALA A 44 12.19 5.74 -3.31
C ALA A 44 12.09 6.33 -4.70
N LEU A 45 13.07 6.03 -5.54
CA LEU A 45 13.10 6.51 -6.91
C LEU A 45 12.06 5.84 -7.81
N GLU A 46 11.50 4.72 -7.37
CA GLU A 46 10.53 3.98 -8.19
C GLU A 46 9.12 4.52 -8.00
N ASP A 47 8.75 4.79 -6.76
CA ASP A 47 7.42 5.33 -6.45
C ASP A 47 7.49 6.85 -6.48
N LYS A 48 8.64 7.33 -6.09
CA LYS A 48 8.98 8.76 -6.07
C LYS A 48 8.09 9.54 -5.07
N LEU A 49 8.21 9.23 -3.77
CA LEU A 49 7.46 9.95 -2.75
C LEU A 49 7.94 11.39 -2.64
N ALA A 50 9.25 11.55 -2.60
CA ALA A 50 9.85 12.86 -2.47
C ALA A 50 11.23 12.87 -3.13
N ASP A 51 12.05 13.84 -2.77
CA ASP A 51 13.40 13.95 -3.33
C ASP A 51 14.29 12.89 -2.70
N TYR A 52 14.46 12.97 -1.39
CA TYR A 52 15.29 12.05 -0.62
C TYR A 52 16.75 12.19 -1.04
N GLY A 1 -31.23 -0.25 4.61
CA GLY A 1 -31.73 -1.19 5.63
C GLY A 1 -31.07 -0.97 6.96
N SER A 2 -30.56 -2.04 7.54
CA SER A 2 -29.88 -1.95 8.81
C SER A 2 -28.37 -2.03 8.62
N VAL A 3 -27.94 -2.57 7.47
CA VAL A 3 -26.51 -2.72 7.16
C VAL A 3 -25.73 -1.41 7.31
N GLU A 4 -26.35 -0.29 6.94
CA GLU A 4 -25.68 0.99 7.09
C GLU A 4 -25.66 1.44 8.55
N LYS A 5 -26.79 1.25 9.23
CA LYS A 5 -26.91 1.60 10.67
C LYS A 5 -26.68 3.12 10.86
N LEU A 6 -27.02 3.89 9.82
CA LEU A 6 -26.89 5.36 9.85
C LEU A 6 -25.41 5.78 9.92
N THR A 7 -24.53 4.93 9.41
CA THR A 7 -23.14 5.22 9.38
C THR A 7 -22.55 4.56 8.11
N ALA A 8 -22.35 5.34 7.06
CA ALA A 8 -21.68 4.82 5.88
C ALA A 8 -20.24 5.25 5.90
N ASP A 9 -19.96 6.27 6.71
CA ASP A 9 -18.61 6.81 6.88
C ASP A 9 -17.65 5.70 7.25
N ALA A 10 -18.17 4.73 8.00
CA ALA A 10 -17.40 3.55 8.40
C ALA A 10 -16.75 2.86 7.18
N GLU A 11 -17.47 2.78 6.08
CA GLU A 11 -16.97 2.13 4.88
C GLU A 11 -16.12 3.10 4.06
N LEU A 12 -16.36 4.37 4.25
CA LEU A 12 -15.58 5.42 3.57
C LEU A 12 -14.15 5.43 4.11
N GLN A 13 -14.05 5.46 5.43
CA GLN A 13 -12.76 5.45 6.10
C GLN A 13 -12.04 4.14 5.84
N ARG A 14 -12.80 3.08 5.64
CA ARG A 14 -12.20 1.78 5.39
C ARG A 14 -11.72 1.66 3.95
N LEU A 15 -12.31 2.45 3.05
CA LEU A 15 -11.90 2.41 1.65
C LEU A 15 -10.49 2.95 1.52
N LYS A 16 -10.19 3.99 2.29
CA LYS A 16 -8.85 4.56 2.33
C LYS A 16 -7.89 3.58 3.01
N ASN A 17 -8.44 2.81 3.95
CA ASN A 17 -7.66 1.78 4.66
C ASN A 17 -7.28 0.68 3.69
N GLU A 18 -8.25 0.25 2.89
CA GLU A 18 -8.03 -0.75 1.86
C GLU A 18 -6.91 -0.34 0.93
N ARG A 19 -6.90 0.93 0.56
CA ARG A 19 -5.86 1.45 -0.31
C ARG A 19 -4.51 1.45 0.40
N HIS A 20 -4.50 1.82 1.68
CA HIS A 20 -3.26 1.79 2.48
C HIS A 20 -2.68 0.38 2.53
N GLU A 21 -3.56 -0.59 2.70
CA GLU A 21 -3.17 -2.01 2.74
C GLU A 21 -2.45 -2.38 1.45
N GLU A 22 -3.02 -1.96 0.33
CA GLU A 22 -2.46 -2.23 -0.99
C GLU A 22 -1.27 -1.33 -1.29
N ALA A 23 -1.18 -0.22 -0.56
CA ALA A 23 -0.10 0.74 -0.75
C ALA A 23 1.16 0.25 -0.07
N GLU A 24 0.97 -0.40 1.07
CA GLU A 24 2.09 -0.96 1.81
C GLU A 24 2.72 -2.08 0.98
N LEU A 25 1.87 -2.87 0.34
CA LEU A 25 2.32 -3.94 -0.54
C LEU A 25 3.12 -3.37 -1.72
N GLU A 26 2.66 -2.25 -2.27
CA GLU A 26 3.35 -1.61 -3.38
C GLU A 26 4.73 -1.11 -2.96
N ARG A 27 4.79 -0.52 -1.77
CA ARG A 27 6.07 -0.02 -1.25
C ARG A 27 7.00 -1.18 -0.90
N LEU A 28 6.40 -2.33 -0.62
CA LEU A 28 7.16 -3.54 -0.33
C LEU A 28 7.75 -4.08 -1.63
N LYS A 29 7.08 -3.73 -2.72
CA LYS A 29 7.51 -4.13 -4.06
C LYS A 29 8.53 -3.14 -4.58
N SER A 30 8.53 -1.94 -3.99
CA SER A 30 9.43 -0.86 -4.37
C SER A 30 10.89 -1.30 -4.34
N GLU A 31 11.30 -1.91 -3.23
CA GLU A 31 12.67 -2.39 -3.09
C GLU A 31 13.03 -3.38 -4.18
N ARG A 32 12.12 -4.31 -4.43
CA ARG A 32 12.31 -5.30 -5.47
C ARG A 32 12.32 -4.64 -6.84
N HIS A 33 11.51 -3.60 -7.01
CA HIS A 33 11.42 -2.88 -8.26
C HIS A 33 12.76 -2.25 -8.62
N ASP A 34 13.39 -1.60 -7.65
CA ASP A 34 14.67 -0.94 -7.87
C ASP A 34 15.75 -1.97 -8.20
N HIS A 35 15.85 -3.02 -7.39
CA HIS A 35 16.88 -4.04 -7.57
C HIS A 35 16.57 -4.96 -8.75
N ASP A 36 15.32 -4.91 -9.22
CA ASP A 36 14.90 -5.69 -10.39
C ASP A 36 15.58 -5.17 -11.64
N LYS A 37 15.75 -3.87 -11.69
CA LYS A 37 16.36 -3.22 -12.83
C LYS A 37 17.75 -2.71 -12.47
N LYS A 38 18.15 -3.04 -11.23
CA LYS A 38 19.49 -2.73 -10.67
C LYS A 38 19.77 -1.23 -10.53
N GLU A 39 19.72 -0.52 -11.64
CA GLU A 39 20.07 0.90 -11.66
C GLU A 39 18.90 1.80 -11.26
N ALA A 40 17.74 1.18 -10.99
CA ALA A 40 16.52 1.92 -10.62
C ALA A 40 16.26 3.05 -11.64
N GLU A 41 16.09 2.66 -12.93
CA GLU A 41 15.88 3.60 -14.04
C GLU A 41 14.85 4.69 -13.74
N ARG A 42 13.82 4.35 -12.99
CA ARG A 42 12.80 5.27 -12.67
C ARG A 42 12.01 4.73 -11.51
N LYS A 43 11.94 5.51 -10.51
CA LYS A 43 11.18 5.19 -9.32
C LYS A 43 9.72 5.59 -9.48
N ALA A 44 9.44 6.38 -10.51
CA ALA A 44 8.09 6.89 -10.79
C ALA A 44 7.04 5.77 -10.90
N LEU A 45 7.49 4.53 -11.08
CA LEU A 45 6.57 3.43 -11.27
C LEU A 45 6.20 2.81 -9.91
N GLU A 46 7.13 2.88 -8.95
CA GLU A 46 6.90 2.34 -7.61
C GLU A 46 6.17 3.36 -6.75
N ASP A 47 6.34 4.63 -7.11
CA ASP A 47 5.68 5.72 -6.39
C ASP A 47 4.18 5.51 -6.32
N LYS A 48 3.58 5.15 -7.45
CA LYS A 48 2.16 4.84 -7.50
C LYS A 48 1.79 3.75 -6.44
N LEU A 49 0.89 4.07 -5.49
CA LEU A 49 0.52 3.12 -4.44
C LEU A 49 -0.85 2.53 -4.70
N ALA A 50 -1.34 2.74 -5.93
CA ALA A 50 -2.66 2.29 -6.40
C ALA A 50 -3.10 3.08 -7.63
N ASP A 51 -3.89 4.13 -7.38
CA ASP A 51 -4.43 4.99 -8.44
C ASP A 51 -5.23 4.18 -9.45
N TYR A 52 -5.48 4.79 -10.62
CA TYR A 52 -6.23 4.15 -11.69
C TYR A 52 -7.69 3.90 -11.28
N GLY A 1 -27.29 -3.29 4.16
CA GLY A 1 -27.55 -2.59 5.43
C GLY A 1 -26.46 -2.86 6.45
N SER A 2 -25.33 -2.19 6.30
CA SER A 2 -24.22 -2.36 7.21
C SER A 2 -24.24 -1.29 8.29
N VAL A 3 -25.43 -0.72 8.53
CA VAL A 3 -25.60 0.37 9.49
C VAL A 3 -24.68 1.53 9.07
N GLU A 4 -24.52 1.68 7.77
CA GLU A 4 -23.63 2.68 7.21
C GLU A 4 -24.34 4.00 7.11
N LYS A 5 -25.66 3.96 7.13
CA LYS A 5 -26.46 5.17 7.09
C LYS A 5 -26.22 6.02 8.33
N LEU A 6 -25.77 5.38 9.41
CA LEU A 6 -25.43 6.09 10.63
C LEU A 6 -24.14 6.87 10.44
N THR A 7 -23.18 6.27 9.76
CA THR A 7 -21.93 6.87 9.50
C THR A 7 -21.42 6.32 8.16
N ALA A 8 -21.58 7.08 7.07
CA ALA A 8 -21.06 6.66 5.77
C ALA A 8 -19.56 6.70 5.78
N ASP A 9 -19.02 7.57 6.63
CA ASP A 9 -17.58 7.74 6.78
C ASP A 9 -16.94 6.41 7.14
N ALA A 10 -17.68 5.58 7.86
CA ALA A 10 -17.20 4.24 8.24
C ALA A 10 -16.69 3.45 7.03
N GLU A 11 -17.50 3.40 5.97
CA GLU A 11 -17.13 2.64 4.76
C GLU A 11 -16.04 3.37 3.98
N LEU A 12 -15.95 4.67 4.22
CA LEU A 12 -14.96 5.50 3.52
C LEU A 12 -13.59 5.26 4.11
N GLN A 13 -13.54 5.24 5.43
CA GLN A 13 -12.28 4.99 6.14
C GLN A 13 -11.81 3.58 5.91
N ARG A 14 -12.75 2.63 5.81
CA ARG A 14 -12.40 1.24 5.55
C ARG A 14 -11.78 1.11 4.17
N LEU A 15 -12.41 1.76 3.19
CA LEU A 15 -11.91 1.75 1.82
C LEU A 15 -10.57 2.48 1.73
N LYS A 16 -10.46 3.58 2.48
CA LYS A 16 -9.24 4.37 2.50
C LYS A 16 -8.09 3.57 3.11
N ASN A 17 -8.40 2.78 4.11
CA ASN A 17 -7.40 1.96 4.79
C ASN A 17 -7.06 0.75 3.93
N GLU A 18 -8.07 0.20 3.27
CA GLU A 18 -7.87 -0.94 2.39
C GLU A 18 -6.99 -0.53 1.21
N ARG A 19 -7.20 0.69 0.71
CA ARG A 19 -6.38 1.22 -0.36
C ARG A 19 -4.95 1.40 0.13
N HIS A 20 -4.81 1.87 1.37
CA HIS A 20 -3.49 2.04 1.99
C HIS A 20 -2.82 0.67 2.18
N GLU A 21 -3.64 -0.34 2.43
CA GLU A 21 -3.15 -1.72 2.56
C GLU A 21 -2.47 -2.15 1.25
N GLU A 22 -3.09 -1.79 0.13
CA GLU A 22 -2.54 -2.07 -1.21
C GLU A 22 -1.30 -1.19 -1.46
N ALA A 23 -1.21 -0.13 -0.69
CA ALA A 23 -0.10 0.81 -0.82
C ALA A 23 1.12 0.25 -0.14
N GLU A 24 0.89 -0.49 0.93
CA GLU A 24 1.97 -1.17 1.64
C GLU A 24 2.54 -2.26 0.77
N LEU A 25 1.64 -3.01 0.11
CA LEU A 25 2.05 -4.04 -0.83
C LEU A 25 2.86 -3.42 -1.96
N GLU A 26 2.42 -2.25 -2.41
CA GLU A 26 3.12 -1.52 -3.45
C GLU A 26 4.48 -1.05 -2.95
N ARG A 27 4.54 -0.66 -1.69
CA ARG A 27 5.79 -0.19 -1.08
C ARG A 27 6.75 -1.35 -0.86
N LEU A 28 6.21 -2.55 -0.66
CA LEU A 28 7.05 -3.74 -0.51
C LEU A 28 7.78 -4.02 -1.82
N LYS A 29 7.20 -3.56 -2.92
CA LYS A 29 7.81 -3.69 -4.23
C LYS A 29 8.97 -2.71 -4.36
N SER A 30 8.97 -1.70 -3.52
CA SER A 30 10.01 -0.68 -3.52
C SER A 30 11.21 -1.20 -2.76
N GLU A 31 10.97 -2.20 -1.91
CA GLU A 31 12.03 -2.83 -1.16
C GLU A 31 12.90 -3.66 -2.08
N ARG A 32 12.28 -4.59 -2.79
CA ARG A 32 12.99 -5.45 -3.75
C ARG A 32 13.68 -4.61 -4.83
N HIS A 33 13.07 -3.49 -5.18
CA HIS A 33 13.60 -2.59 -6.21
C HIS A 33 14.86 -1.86 -5.76
N ASP A 34 15.16 -1.90 -4.47
CA ASP A 34 16.32 -1.16 -3.94
C ASP A 34 17.62 -1.57 -4.64
N HIS A 35 17.77 -2.85 -4.92
CA HIS A 35 18.97 -3.35 -5.62
C HIS A 35 19.15 -2.71 -7.01
N ASP A 36 18.05 -2.25 -7.60
CA ASP A 36 18.10 -1.65 -8.95
C ASP A 36 18.34 -0.15 -8.88
N LYS A 37 18.29 0.40 -7.69
CA LYS A 37 18.44 1.83 -7.52
C LYS A 37 19.02 2.09 -6.14
N LYS A 38 20.03 1.30 -5.79
CA LYS A 38 20.66 1.38 -4.48
C LYS A 38 21.57 2.58 -4.40
N GLU A 39 21.00 3.70 -4.07
CA GLU A 39 21.74 4.94 -3.93
C GLU A 39 20.98 5.90 -3.03
N ALA A 40 20.15 5.35 -2.13
CA ALA A 40 19.33 6.15 -1.22
C ALA A 40 18.38 7.05 -2.02
N GLU A 41 17.87 6.52 -3.12
CA GLU A 41 17.02 7.24 -4.00
C GLU A 41 16.01 6.28 -4.58
N ARG A 42 14.87 6.26 -3.99
CA ARG A 42 13.81 5.43 -4.40
C ARG A 42 12.62 6.30 -4.65
N LYS A 43 12.08 6.12 -5.79
CA LYS A 43 10.93 6.89 -6.29
C LYS A 43 9.76 6.92 -5.29
N ALA A 44 9.69 5.92 -4.42
CA ALA A 44 8.60 5.88 -3.42
C ALA A 44 8.58 7.17 -2.60
N LEU A 45 9.72 7.51 -2.02
CA LEU A 45 9.87 8.75 -1.23
C LEU A 45 9.67 10.00 -2.10
N GLU A 46 10.16 9.95 -3.32
CA GLU A 46 10.09 11.09 -4.24
C GLU A 46 8.65 11.35 -4.72
N ASP A 47 8.07 10.33 -5.31
CA ASP A 47 6.73 10.44 -5.90
C ASP A 47 5.64 10.41 -4.83
N LYS A 48 5.98 9.91 -3.63
CA LYS A 48 5.03 9.84 -2.50
C LYS A 48 3.89 8.83 -2.82
N LEU A 49 2.96 8.62 -1.88
CA LEU A 49 1.83 7.74 -2.15
C LEU A 49 0.70 8.54 -2.77
N ALA A 50 0.70 9.83 -2.49
CA ALA A 50 -0.30 10.73 -2.99
C ALA A 50 0.28 12.11 -3.16
N ASP A 51 -0.16 12.80 -4.20
CA ASP A 51 0.31 14.15 -4.50
C ASP A 51 -0.35 15.17 -3.56
N TYR A 52 -1.15 14.68 -2.65
CA TYR A 52 -1.84 15.51 -1.69
C TYR A 52 -1.52 15.05 -0.28
N GLY A 1 -36.86 5.24 8.87
CA GLY A 1 -35.69 5.52 8.01
C GLY A 1 -34.42 4.92 8.57
N SER A 2 -33.64 5.75 9.26
CA SER A 2 -32.37 5.33 9.86
C SER A 2 -31.41 4.81 8.78
N VAL A 3 -31.42 5.46 7.63
CA VAL A 3 -30.57 5.07 6.52
C VAL A 3 -29.10 5.28 6.86
N GLU A 4 -28.71 6.52 7.12
CA GLU A 4 -27.35 6.84 7.45
C GLU A 4 -26.99 6.37 8.86
N LYS A 5 -27.81 6.79 9.85
CA LYS A 5 -27.61 6.42 11.26
C LYS A 5 -26.17 6.71 11.76
N LEU A 6 -25.47 7.62 11.08
CA LEU A 6 -24.08 7.96 11.43
C LEU A 6 -23.17 6.73 11.28
N THR A 7 -23.58 5.81 10.43
CA THR A 7 -22.86 4.64 10.15
C THR A 7 -22.50 4.74 8.67
N ALA A 8 -21.91 3.69 8.13
CA ALA A 8 -21.45 3.63 6.72
C ALA A 8 -20.16 4.41 6.51
N ASP A 9 -19.88 5.32 7.44
CA ASP A 9 -18.64 6.10 7.43
C ASP A 9 -17.46 5.15 7.61
N ALA A 10 -17.74 3.99 8.17
CA ALA A 10 -16.71 2.96 8.41
C ALA A 10 -16.38 2.24 7.12
N GLU A 11 -17.27 2.38 6.14
CA GLU A 11 -17.07 1.77 4.83
C GLU A 11 -16.24 2.73 4.01
N LEU A 12 -16.33 4.00 4.41
CA LEU A 12 -15.59 5.08 3.78
C LEU A 12 -14.18 5.06 4.34
N GLN A 13 -14.10 4.83 5.64
CA GLN A 13 -12.84 4.73 6.34
C GLN A 13 -12.04 3.55 5.84
N ARG A 14 -12.76 2.46 5.52
CA ARG A 14 -12.11 1.26 5.02
C ARG A 14 -11.62 1.47 3.61
N LEU A 15 -12.34 2.31 2.86
CA LEU A 15 -11.95 2.64 1.49
C LEU A 15 -10.57 3.29 1.45
N LYS A 16 -10.32 4.18 2.41
CA LYS A 16 -9.04 4.86 2.51
C LYS A 16 -7.99 3.94 3.15
N ASN A 17 -8.45 3.09 4.06
CA ASN A 17 -7.56 2.16 4.75
C ASN A 17 -7.08 1.09 3.77
N GLU A 18 -8.01 0.60 2.96
CA GLU A 18 -7.71 -0.42 1.96
C GLU A 18 -6.69 0.11 0.98
N ARG A 19 -6.80 1.40 0.65
CA ARG A 19 -5.84 2.02 -0.26
C ARG A 19 -4.46 2.07 0.40
N HIS A 20 -4.44 2.35 1.70
CA HIS A 20 -3.18 2.35 2.47
C HIS A 20 -2.53 0.97 2.40
N GLU A 21 -3.34 -0.07 2.53
CA GLU A 21 -2.85 -1.44 2.50
C GLU A 21 -2.37 -1.79 1.10
N GLU A 22 -3.11 -1.31 0.11
CA GLU A 22 -2.74 -1.50 -1.29
C GLU A 22 -1.40 -0.84 -1.58
N ALA A 23 -1.22 0.37 -1.07
CA ALA A 23 0.02 1.12 -1.24
C ALA A 23 1.13 0.49 -0.39
N GLU A 24 0.73 -0.18 0.67
CA GLU A 24 1.68 -0.86 1.55
C GLU A 24 2.39 -1.97 0.79
N LEU A 25 1.62 -2.85 0.17
CA LEU A 25 2.18 -3.91 -0.68
C LEU A 25 2.99 -3.31 -1.82
N GLU A 26 2.44 -2.25 -2.40
CA GLU A 26 3.10 -1.54 -3.50
C GLU A 26 4.53 -1.10 -3.11
N ARG A 27 4.65 -0.46 -1.95
CA ARG A 27 5.97 0.00 -1.49
C ARG A 27 6.80 -1.17 -0.98
N LEU A 28 6.13 -2.18 -0.42
CA LEU A 28 6.81 -3.36 0.09
C LEU A 28 7.53 -4.09 -1.04
N LYS A 29 6.85 -4.25 -2.17
CA LYS A 29 7.44 -4.90 -3.33
C LYS A 29 8.69 -4.15 -3.77
N SER A 30 8.61 -2.82 -3.74
CA SER A 30 9.74 -1.98 -4.10
C SER A 30 10.93 -2.25 -3.18
N GLU A 31 10.64 -2.40 -1.88
CA GLU A 31 11.67 -2.69 -0.89
C GLU A 31 12.28 -4.06 -1.15
N ARG A 32 11.43 -5.08 -1.26
CA ARG A 32 11.86 -6.45 -1.51
C ARG A 32 12.77 -6.53 -2.74
N HIS A 33 12.33 -5.92 -3.84
CA HIS A 33 13.09 -5.95 -5.09
C HIS A 33 14.38 -5.13 -5.00
N ASP A 34 14.36 -4.08 -4.21
CA ASP A 34 15.54 -3.22 -4.07
C ASP A 34 16.58 -3.88 -3.18
N HIS A 35 16.14 -4.76 -2.32
CA HIS A 35 17.03 -5.45 -1.42
C HIS A 35 17.47 -6.77 -2.00
N ASP A 36 16.61 -7.35 -2.85
CA ASP A 36 16.93 -8.61 -3.54
C ASP A 36 18.19 -8.45 -4.38
N LYS A 37 18.44 -7.20 -4.79
CA LYS A 37 19.65 -6.84 -5.53
C LYS A 37 20.89 -7.26 -4.76
N LYS A 38 20.84 -7.12 -3.44
CA LYS A 38 21.95 -7.46 -2.60
C LYS A 38 21.75 -8.83 -1.94
N GLU A 39 20.63 -8.98 -1.23
CA GLU A 39 20.31 -10.20 -0.50
C GLU A 39 19.03 -9.97 0.31
N ALA A 40 18.28 -11.03 0.55
CA ALA A 40 17.04 -10.91 1.33
C ALA A 40 17.37 -10.85 2.83
N GLU A 41 16.32 -10.76 3.69
CA GLU A 41 16.50 -10.64 5.13
C GLU A 41 17.31 -9.41 5.47
N ARG A 42 16.61 -8.31 5.59
CA ARG A 42 17.18 -7.06 5.85
C ARG A 42 16.27 -6.29 6.77
N LYS A 43 16.88 -5.60 7.65
CA LYS A 43 16.23 -4.74 8.65
C LYS A 43 15.27 -3.72 8.02
N ALA A 44 15.33 -3.57 6.71
CA ALA A 44 14.45 -2.63 6.01
C ALA A 44 13.01 -3.10 6.11
N LEU A 45 12.83 -4.39 6.41
CA LEU A 45 11.52 -4.98 6.61
C LEU A 45 10.80 -4.28 7.77
N GLU A 46 11.58 -3.72 8.70
CA GLU A 46 11.03 -2.99 9.84
C GLU A 46 10.62 -1.58 9.40
N ASP A 47 11.20 -1.13 8.30
CA ASP A 47 10.91 0.20 7.77
C ASP A 47 9.58 0.21 7.05
N LYS A 48 8.98 -0.98 6.95
CA LYS A 48 7.66 -1.13 6.35
C LYS A 48 6.65 -0.21 7.03
N LEU A 49 6.78 -0.07 8.35
CA LEU A 49 5.88 0.78 9.10
C LEU A 49 6.66 1.56 10.18
N ALA A 50 7.98 1.65 10.00
CA ALA A 50 8.83 2.38 10.94
C ALA A 50 8.58 3.89 10.88
N ASP A 51 9.13 4.62 11.82
CA ASP A 51 8.99 6.07 11.86
C ASP A 51 10.37 6.71 11.89
N TYR A 52 10.51 7.83 11.17
CA TYR A 52 11.79 8.55 11.02
C TYR A 52 12.70 7.84 10.03
N GLY A 1 -16.29 11.81 22.20
CA GLY A 1 -16.60 10.48 21.63
C GLY A 1 -16.65 10.51 20.12
N SER A 2 -17.34 9.55 19.54
CA SER A 2 -17.45 9.46 18.09
C SER A 2 -18.60 10.33 17.58
N VAL A 3 -19.02 10.12 16.34
CA VAL A 3 -20.09 10.90 15.71
C VAL A 3 -20.85 10.03 14.71
N GLU A 4 -20.13 9.23 13.93
CA GLU A 4 -20.71 8.39 12.93
C GLU A 4 -20.11 6.98 13.06
N LYS A 5 -19.33 6.52 12.05
CA LYS A 5 -18.78 5.15 12.02
C LYS A 5 -19.89 4.11 12.11
N LEU A 6 -21.09 4.54 11.82
CA LEU A 6 -22.26 3.70 11.92
C LEU A 6 -23.04 3.75 10.63
N THR A 7 -22.75 4.73 9.80
CA THR A 7 -23.40 4.91 8.60
C THR A 7 -22.44 4.52 7.49
N ALA A 8 -22.82 4.76 6.28
CA ALA A 8 -22.02 4.42 5.10
C ALA A 8 -20.68 5.12 5.17
N ASP A 9 -20.57 6.08 6.08
CA ASP A 9 -19.33 6.79 6.31
C ASP A 9 -18.28 5.79 6.76
N ALA A 10 -18.72 4.76 7.49
CA ALA A 10 -17.81 3.70 7.95
C ALA A 10 -17.21 2.93 6.78
N GLU A 11 -17.97 2.84 5.69
CA GLU A 11 -17.52 2.13 4.49
C GLU A 11 -16.41 2.93 3.82
N LEU A 12 -16.63 4.24 3.76
CA LEU A 12 -15.67 5.17 3.17
C LEU A 12 -14.32 5.07 3.88
N GLN A 13 -14.38 4.97 5.20
CA GLN A 13 -13.19 4.85 6.03
C GLN A 13 -12.41 3.58 5.70
N ARG A 14 -13.11 2.46 5.60
CA ARG A 14 -12.46 1.17 5.32
C ARG A 14 -11.83 1.17 3.93
N LEU A 15 -12.53 1.72 2.96
CA LEU A 15 -12.05 1.76 1.58
C LEU A 15 -10.74 2.53 1.48
N LYS A 16 -10.70 3.67 2.13
CA LYS A 16 -9.50 4.51 2.12
C LYS A 16 -8.39 3.87 2.96
N ASN A 17 -8.77 3.29 4.08
CA ASN A 17 -7.81 2.64 4.97
C ASN A 17 -7.21 1.42 4.28
N GLU A 18 -8.02 0.75 3.48
CA GLU A 18 -7.59 -0.40 2.71
C GLU A 18 -6.46 0.00 1.76
N ARG A 19 -6.55 1.22 1.23
CA ARG A 19 -5.52 1.72 0.32
C ARG A 19 -4.20 1.94 1.04
N HIS A 20 -4.26 2.24 2.33
CA HIS A 20 -3.05 2.37 3.14
C HIS A 20 -2.27 1.06 3.12
N GLU A 21 -3.00 -0.05 3.30
CA GLU A 21 -2.40 -1.39 3.26
C GLU A 21 -1.89 -1.70 1.85
N GLU A 22 -2.58 -1.15 0.86
CA GLU A 22 -2.23 -1.35 -0.54
C GLU A 22 -0.86 -0.74 -0.84
N ALA A 23 -0.67 0.51 -0.42
CA ALA A 23 0.61 1.21 -0.63
C ALA A 23 1.75 0.51 0.09
N GLU A 24 1.42 -0.24 1.14
CA GLU A 24 2.43 -0.96 1.89
C GLU A 24 2.98 -2.12 1.05
N LEU A 25 2.08 -2.94 0.53
CA LEU A 25 2.47 -4.06 -0.33
C LEU A 25 3.09 -3.55 -1.62
N GLU A 26 2.53 -2.46 -2.14
CA GLU A 26 3.09 -1.83 -3.33
C GLU A 26 4.54 -1.42 -3.10
N ARG A 27 4.81 -0.79 -1.95
CA ARG A 27 6.17 -0.37 -1.62
C ARG A 27 7.07 -1.60 -1.44
N LEU A 28 6.46 -2.70 -1.06
CA LEU A 28 7.19 -3.95 -0.88
C LEU A 28 7.68 -4.46 -2.23
N LYS A 29 6.93 -4.14 -3.28
CA LYS A 29 7.27 -4.53 -4.63
C LYS A 29 8.31 -3.58 -5.21
N SER A 30 8.37 -2.38 -4.65
CA SER A 30 9.29 -1.37 -5.11
C SER A 30 10.66 -1.61 -4.51
N GLU A 31 10.69 -1.82 -3.20
CA GLU A 31 11.93 -2.06 -2.47
C GLU A 31 12.66 -3.29 -3.02
N ARG A 32 11.93 -4.39 -3.18
CA ARG A 32 12.52 -5.63 -3.66
C ARG A 32 13.01 -5.50 -5.10
N HIS A 33 12.47 -4.54 -5.81
CA HIS A 33 12.86 -4.29 -7.18
C HIS A 33 14.13 -3.43 -7.25
N ASP A 34 14.15 -2.37 -6.46
CA ASP A 34 15.25 -1.40 -6.51
C ASP A 34 16.41 -1.70 -5.58
N HIS A 35 16.26 -2.67 -4.69
CA HIS A 35 17.36 -3.00 -3.76
C HIS A 35 18.56 -3.58 -4.50
N ASP A 36 18.29 -4.24 -5.62
CA ASP A 36 19.36 -4.82 -6.44
C ASP A 36 20.06 -3.75 -7.26
N LYS A 37 19.31 -2.76 -7.69
CA LYS A 37 19.83 -1.67 -8.51
C LYS A 37 20.02 -0.40 -7.67
N LYS A 38 20.32 -0.61 -6.40
CA LYS A 38 20.49 0.51 -5.48
C LYS A 38 21.89 1.12 -5.59
N GLU A 39 22.88 0.30 -5.87
CA GLU A 39 24.26 0.78 -6.00
C GLU A 39 25.07 -0.09 -6.95
N ALA A 40 25.56 -1.21 -6.43
CA ALA A 40 26.45 -2.13 -7.15
C ALA A 40 26.93 -3.22 -6.20
N GLU A 41 26.74 -2.98 -4.92
CA GLU A 41 27.13 -3.89 -3.86
C GLU A 41 26.04 -4.91 -3.68
N ARG A 42 25.69 -5.55 -4.77
CA ARG A 42 24.65 -6.47 -4.82
C ARG A 42 25.18 -7.76 -5.43
N LYS A 43 24.61 -8.81 -4.99
CA LYS A 43 24.92 -10.18 -5.41
C LYS A 43 25.01 -10.37 -6.92
N ALA A 44 24.33 -9.52 -7.68
CA ALA A 44 24.36 -9.63 -9.15
C ALA A 44 25.77 -9.41 -9.66
N LEU A 45 26.47 -8.50 -9.00
CA LEU A 45 27.83 -8.19 -9.35
C LEU A 45 28.80 -9.08 -8.58
N GLU A 46 28.56 -9.21 -7.28
CA GLU A 46 29.38 -10.05 -6.40
C GLU A 46 29.43 -11.50 -6.89
N ASP A 47 28.38 -11.94 -7.57
CA ASP A 47 28.29 -13.31 -8.12
C ASP A 47 29.53 -13.67 -8.92
N LYS A 48 29.97 -12.74 -9.74
CA LYS A 48 31.14 -12.94 -10.57
C LYS A 48 32.35 -12.25 -9.96
N LEU A 49 32.15 -10.99 -9.54
CA LEU A 49 33.16 -10.16 -8.87
C LEU A 49 34.16 -9.60 -9.87
N ALA A 50 34.53 -10.41 -10.83
CA ALA A 50 35.40 -9.98 -11.90
C ALA A 50 34.58 -9.18 -12.89
N ASP A 51 35.11 -8.02 -13.29
CA ASP A 51 34.37 -7.06 -14.14
C ASP A 51 32.97 -6.81 -13.57
N TYR A 52 32.86 -5.77 -12.78
CA TYR A 52 31.61 -5.42 -12.10
C TYR A 52 30.50 -5.09 -13.09
N GLY A 1 -33.09 12.44 -1.31
CA GLY A 1 -32.34 11.18 -1.43
C GLY A 1 -31.24 11.08 -0.40
N SER A 2 -31.06 9.90 0.14
CA SER A 2 -30.04 9.64 1.15
C SER A 2 -29.69 8.17 1.15
N VAL A 3 -28.49 7.87 0.74
CA VAL A 3 -28.04 6.51 0.70
C VAL A 3 -27.18 6.16 1.95
N GLU A 4 -27.65 5.18 2.76
CA GLU A 4 -26.93 4.72 3.95
C GLU A 4 -26.47 5.90 4.84
N LYS A 5 -27.39 6.79 5.20
CA LYS A 5 -27.01 7.99 5.97
C LYS A 5 -26.91 7.66 7.48
N LEU A 6 -27.02 6.40 7.81
CA LEU A 6 -26.92 5.95 9.18
C LEU A 6 -25.48 5.55 9.46
N THR A 7 -24.88 4.86 8.50
CA THR A 7 -23.54 4.44 8.57
C THR A 7 -23.00 4.37 7.13
N ALA A 8 -22.27 5.38 6.71
CA ALA A 8 -21.60 5.34 5.42
C ALA A 8 -20.15 5.72 5.56
N ASP A 9 -19.88 6.60 6.52
CA ASP A 9 -18.53 7.09 6.78
C ASP A 9 -17.60 5.93 7.12
N ALA A 10 -18.13 4.95 7.83
CA ALA A 10 -17.36 3.75 8.20
C ALA A 10 -16.86 3.01 6.97
N GLU A 11 -17.67 2.98 5.92
CA GLU A 11 -17.30 2.30 4.70
C GLU A 11 -16.28 3.12 3.92
N LEU A 12 -16.22 4.40 4.25
CA LEU A 12 -15.30 5.31 3.61
C LEU A 12 -13.94 5.15 4.25
N GLN A 13 -13.98 4.92 5.56
CA GLN A 13 -12.77 4.68 6.34
C GLN A 13 -12.12 3.38 5.89
N ARG A 14 -12.95 2.38 5.61
CA ARG A 14 -12.48 1.08 5.16
C ARG A 14 -11.78 1.22 3.81
N LEU A 15 -12.34 2.08 2.96
CA LEU A 15 -11.75 2.37 1.67
C LEU A 15 -10.33 2.90 1.85
N LYS A 16 -10.17 3.81 2.81
CA LYS A 16 -8.87 4.36 3.14
C LYS A 16 -7.92 3.26 3.63
N ASN A 17 -8.47 2.37 4.46
CA ASN A 17 -7.70 1.25 5.00
C ASN A 17 -7.17 0.38 3.88
N GLU A 18 -8.01 0.14 2.87
CA GLU A 18 -7.62 -0.65 1.72
C GLU A 18 -6.56 0.06 0.89
N ARG A 19 -6.78 1.36 0.63
CA ARG A 19 -5.85 2.17 -0.16
C ARG A 19 -4.43 2.11 0.40
N HIS A 20 -4.29 2.43 1.68
CA HIS A 20 -2.97 2.42 2.33
C HIS A 20 -2.39 1.01 2.38
N GLU A 21 -3.24 0.02 2.58
CA GLU A 21 -2.81 -1.38 2.59
C GLU A 21 -2.25 -1.77 1.22
N GLU A 22 -2.94 -1.37 0.17
CA GLU A 22 -2.49 -1.64 -1.17
C GLU A 22 -1.16 -0.95 -1.44
N ALA A 23 -1.10 0.34 -1.10
CA ALA A 23 0.15 1.11 -1.19
C ALA A 23 1.28 0.44 -0.41
N GLU A 24 0.93 -0.22 0.69
CA GLU A 24 1.91 -0.96 1.50
C GLU A 24 2.50 -2.11 0.69
N LEU A 25 1.63 -2.99 0.19
CA LEU A 25 2.06 -4.13 -0.62
C LEU A 25 2.87 -3.66 -1.84
N GLU A 26 2.38 -2.61 -2.45
CA GLU A 26 3.01 -2.03 -3.63
C GLU A 26 4.37 -1.43 -3.30
N ARG A 27 4.43 -0.64 -2.25
CA ARG A 27 5.66 0.05 -1.86
C ARG A 27 6.65 -0.89 -1.22
N LEU A 28 6.17 -1.88 -0.49
CA LEU A 28 7.06 -2.85 0.15
C LEU A 28 7.78 -3.65 -0.93
N LYS A 29 7.06 -3.92 -2.00
CA LYS A 29 7.62 -4.62 -3.14
C LYS A 29 8.76 -3.79 -3.73
N SER A 30 8.51 -2.51 -3.94
CA SER A 30 9.52 -1.58 -4.43
C SER A 30 10.69 -1.48 -3.43
N GLU A 31 10.34 -1.44 -2.15
CA GLU A 31 11.31 -1.36 -1.06
C GLU A 31 12.32 -2.48 -1.18
N ARG A 32 11.82 -3.71 -1.08
CA ARG A 32 12.65 -4.92 -1.16
C ARG A 32 13.56 -4.96 -2.38
N HIS A 33 13.15 -4.33 -3.46
CA HIS A 33 13.96 -4.31 -4.67
C HIS A 33 15.23 -3.50 -4.47
N ASP A 34 15.11 -2.33 -3.89
CA ASP A 34 16.27 -1.44 -3.67
C ASP A 34 16.94 -1.73 -2.33
N HIS A 35 16.12 -2.09 -1.34
CA HIS A 35 16.59 -2.40 0.04
C HIS A 35 17.67 -3.47 0.05
N ASP A 36 17.67 -4.33 -0.96
CA ASP A 36 18.67 -5.40 -1.07
C ASP A 36 20.09 -4.83 -1.16
N LYS A 37 20.19 -3.61 -1.69
CA LYS A 37 21.46 -2.94 -1.85
C LYS A 37 21.55 -1.79 -0.87
N LYS A 38 20.44 -1.11 -0.67
CA LYS A 38 20.39 -0.02 0.27
C LYS A 38 19.78 -0.47 1.58
N GLU A 39 20.65 -0.87 2.49
CA GLU A 39 20.23 -1.26 3.83
C GLU A 39 19.41 -0.16 4.48
N ALA A 40 18.28 -0.54 5.04
CA ALA A 40 17.37 0.40 5.67
C ALA A 40 16.31 -0.37 6.43
N GLU A 41 15.20 0.28 6.74
CA GLU A 41 14.14 -0.38 7.47
C GLU A 41 12.90 -0.63 6.59
N ARG A 42 12.04 0.36 6.49
CA ARG A 42 10.85 0.28 5.72
C ARG A 42 10.22 1.66 5.69
N LYS A 43 10.03 2.15 4.52
CA LYS A 43 9.42 3.45 4.29
C LYS A 43 7.92 3.33 4.25
N ALA A 44 7.44 2.13 3.96
CA ALA A 44 6.01 1.87 3.86
C ALA A 44 5.29 2.21 5.17
N LEU A 45 5.94 1.90 6.30
CA LEU A 45 5.41 2.20 7.65
C LEU A 45 5.07 3.70 7.83
N GLU A 46 5.59 4.54 6.95
CA GLU A 46 5.34 5.96 7.08
C GLU A 46 4.06 6.33 6.36
N ASP A 47 3.77 5.59 5.30
CA ASP A 47 2.59 5.86 4.47
C ASP A 47 1.39 5.03 4.92
N LYS A 48 1.64 3.94 5.62
CA LYS A 48 0.58 3.05 6.09
C LYS A 48 0.11 3.46 7.49
N LEU A 49 0.55 4.63 7.91
CA LEU A 49 0.22 5.14 9.21
C LEU A 49 0.29 6.66 9.19
N ALA A 50 1.53 7.17 9.12
CA ALA A 50 1.81 8.61 9.01
C ALA A 50 1.63 9.28 10.36
N ASP A 51 1.98 8.55 11.40
CA ASP A 51 1.87 9.04 12.75
C ASP A 51 3.23 9.17 13.40
N TYR A 52 4.25 8.58 12.75
CA TYR A 52 5.64 8.63 13.21
C TYR A 52 5.81 8.02 14.60
N GLY A 1 -18.72 20.60 9.19
CA GLY A 1 -17.73 19.54 8.93
C GLY A 1 -18.38 18.23 8.55
N SER A 2 -18.88 17.52 9.54
CA SER A 2 -19.54 16.26 9.32
C SER A 2 -20.99 16.48 8.88
N VAL A 3 -21.44 15.68 7.93
CA VAL A 3 -22.81 15.80 7.40
C VAL A 3 -23.39 14.40 7.16
N GLU A 4 -22.51 13.42 7.18
CA GLU A 4 -22.90 12.04 7.00
C GLU A 4 -23.05 11.37 8.34
N LYS A 5 -22.05 11.49 9.19
CA LYS A 5 -22.12 11.00 10.55
C LYS A 5 -22.22 9.46 10.55
N LEU A 6 -21.15 8.78 10.09
CA LEU A 6 -21.04 7.32 10.13
C LEU A 6 -21.78 6.64 8.97
N THR A 7 -22.66 7.36 8.27
CA THR A 7 -23.33 6.78 7.18
C THR A 7 -22.50 7.11 5.93
N ALA A 8 -21.83 6.10 5.41
CA ALA A 8 -20.91 6.18 4.26
C ALA A 8 -19.50 6.48 4.75
N ASP A 9 -19.43 7.17 5.89
CA ASP A 9 -18.13 7.45 6.54
C ASP A 9 -17.45 6.14 6.86
N ALA A 10 -18.26 5.20 7.30
CA ALA A 10 -17.78 3.85 7.66
C ALA A 10 -17.16 3.16 6.46
N GLU A 11 -17.68 3.44 5.29
CA GLU A 11 -17.17 2.84 4.07
C GLU A 11 -15.92 3.56 3.64
N LEU A 12 -15.81 4.81 4.06
CA LEU A 12 -14.63 5.62 3.78
C LEU A 12 -13.49 5.08 4.60
N GLN A 13 -13.79 4.79 5.86
CA GLN A 13 -12.83 4.21 6.81
C GLN A 13 -12.41 2.82 6.33
N ARG A 14 -13.30 2.17 5.58
CA ARG A 14 -13.05 0.84 5.05
C ARG A 14 -12.13 0.94 3.84
N LEU A 15 -12.51 1.78 2.88
CA LEU A 15 -11.73 1.98 1.67
C LEU A 15 -10.37 2.57 1.98
N LYS A 16 -10.34 3.54 2.90
CA LYS A 16 -9.10 4.20 3.31
C LYS A 16 -8.07 3.18 3.78
N ASN A 17 -8.53 2.22 4.58
CA ASN A 17 -7.63 1.18 5.09
C ASN A 17 -7.11 0.31 3.96
N GLU A 18 -8.03 -0.17 3.12
CA GLU A 18 -7.68 -1.06 2.02
C GLU A 18 -6.72 -0.38 1.06
N ARG A 19 -7.00 0.87 0.76
CA ARG A 19 -6.17 1.65 -0.16
C ARG A 19 -4.81 1.93 0.47
N HIS A 20 -4.82 2.25 1.76
CA HIS A 20 -3.59 2.55 2.48
C HIS A 20 -2.67 1.32 2.51
N GLU A 21 -3.22 0.17 2.88
CA GLU A 21 -2.42 -1.04 2.97
C GLU A 21 -1.98 -1.51 1.58
N GLU A 22 -2.73 -1.12 0.57
CA GLU A 22 -2.43 -1.51 -0.80
C GLU A 22 -1.18 -0.80 -1.28
N ALA A 23 -1.07 0.49 -0.99
CA ALA A 23 0.09 1.27 -1.40
C ALA A 23 1.31 0.89 -0.56
N GLU A 24 1.06 0.46 0.68
CA GLU A 24 2.14 0.03 1.55
C GLU A 24 2.75 -1.25 1.02
N LEU A 25 1.91 -2.07 0.41
CA LEU A 25 2.35 -3.32 -0.17
C LEU A 25 3.17 -3.05 -1.42
N GLU A 26 2.66 -2.17 -2.27
CA GLU A 26 3.36 -1.77 -3.49
C GLU A 26 4.78 -1.32 -3.17
N ARG A 27 4.92 -0.53 -2.12
CA ARG A 27 6.24 -0.04 -1.69
C ARG A 27 7.14 -1.19 -1.29
N LEU A 28 6.53 -2.23 -0.71
CA LEU A 28 7.29 -3.38 -0.23
C LEU A 28 7.66 -4.29 -1.40
N LYS A 29 6.88 -4.19 -2.46
CA LYS A 29 7.13 -4.95 -3.69
C LYS A 29 8.25 -4.26 -4.47
N SER A 30 8.33 -2.94 -4.30
CA SER A 30 9.34 -2.15 -4.97
C SER A 30 10.69 -2.28 -4.27
N GLU A 31 10.70 -2.02 -2.96
CA GLU A 31 11.92 -2.12 -2.16
C GLU A 31 12.48 -3.54 -2.18
N ARG A 32 11.60 -4.51 -2.45
CA ARG A 32 12.00 -5.90 -2.53
C ARG A 32 12.89 -6.11 -3.75
N HIS A 33 12.66 -5.32 -4.80
CA HIS A 33 13.40 -5.45 -6.04
C HIS A 33 14.75 -4.73 -5.93
N ASP A 34 14.84 -3.79 -5.00
CA ASP A 34 16.08 -3.04 -4.78
C ASP A 34 17.18 -3.93 -4.22
N HIS A 35 16.81 -5.15 -3.83
CA HIS A 35 17.80 -6.13 -3.36
C HIS A 35 18.81 -6.40 -4.49
N ASP A 36 18.33 -6.30 -5.73
CA ASP A 36 19.14 -6.52 -6.93
C ASP A 36 20.22 -5.44 -7.04
N LYS A 37 19.88 -4.24 -6.57
CA LYS A 37 20.79 -3.10 -6.59
C LYS A 37 21.90 -3.31 -5.58
N LYS A 38 21.69 -4.30 -4.71
CA LYS A 38 22.59 -4.64 -3.63
C LYS A 38 22.59 -3.57 -2.55
N GLU A 39 21.51 -2.80 -2.51
CA GLU A 39 21.32 -1.79 -1.49
C GLU A 39 20.61 -2.43 -0.31
N ALA A 40 20.30 -3.70 -0.46
CA ALA A 40 19.65 -4.48 0.56
C ALA A 40 20.24 -5.87 0.58
N GLU A 41 19.97 -6.64 -0.49
CA GLU A 41 20.46 -8.00 -0.64
C GLU A 41 20.06 -8.85 0.55
N ARG A 42 18.82 -9.29 0.53
CA ARG A 42 18.26 -10.03 1.59
C ARG A 42 16.96 -10.65 1.14
N LYS A 43 16.88 -11.91 1.33
CA LYS A 43 15.67 -12.68 1.02
C LYS A 43 14.55 -12.34 2.00
N ALA A 44 14.90 -11.64 3.08
CA ALA A 44 13.92 -11.24 4.11
C ALA A 44 12.71 -10.53 3.49
N LEU A 45 12.96 -9.58 2.60
CA LEU A 45 11.88 -8.86 1.90
C LEU A 45 11.08 -9.79 0.99
N GLU A 46 11.71 -10.85 0.52
CA GLU A 46 11.06 -11.78 -0.40
C GLU A 46 10.24 -12.83 0.35
N ASP A 47 10.80 -13.36 1.44
CA ASP A 47 10.10 -14.36 2.29
C ASP A 47 8.84 -13.79 2.94
N LYS A 48 8.60 -12.50 2.78
CA LYS A 48 7.40 -11.87 3.35
C LYS A 48 6.14 -12.39 2.62
N LEU A 49 4.95 -12.25 3.26
CA LEU A 49 3.71 -12.73 2.65
C LEU A 49 3.28 -11.89 1.45
N ALA A 50 4.08 -10.89 1.10
CA ALA A 50 3.81 -10.04 -0.05
C ALA A 50 3.73 -10.87 -1.33
N ASP A 51 4.87 -11.35 -1.79
CA ASP A 51 4.95 -12.19 -2.98
C ASP A 51 6.08 -13.17 -2.81
N TYR A 52 5.93 -14.35 -3.35
CA TYR A 52 6.96 -15.36 -3.25
C TYR A 52 7.52 -15.68 -4.61
N GLY A 1 -25.76 13.33 -0.85
CA GLY A 1 -26.62 12.57 0.07
C GLY A 1 -25.90 12.18 1.35
N SER A 2 -25.02 13.05 1.81
CA SER A 2 -24.25 12.80 3.00
C SER A 2 -25.09 13.11 4.24
N VAL A 3 -25.71 12.09 4.80
CA VAL A 3 -26.51 12.27 5.99
C VAL A 3 -25.61 12.50 7.20
N GLU A 4 -24.42 11.90 7.15
CA GLU A 4 -23.42 12.02 8.20
C GLU A 4 -24.02 11.56 9.53
N LYS A 5 -24.31 10.26 9.64
CA LYS A 5 -24.95 9.70 10.82
C LYS A 5 -24.20 8.46 11.27
N LEU A 6 -22.86 8.51 11.17
CA LEU A 6 -21.99 7.38 11.52
C LEU A 6 -22.20 6.23 10.55
N THR A 7 -22.58 6.58 9.32
CA THR A 7 -22.81 5.67 8.30
C THR A 7 -22.23 6.32 7.04
N ALA A 8 -21.84 5.51 6.09
CA ALA A 8 -21.18 5.94 4.83
C ALA A 8 -19.72 6.32 5.08
N ASP A 9 -19.49 6.92 6.23
CA ASP A 9 -18.17 7.32 6.66
C ASP A 9 -17.31 6.09 6.83
N ALA A 10 -17.89 5.06 7.42
CA ALA A 10 -17.20 3.79 7.63
C ALA A 10 -16.77 3.16 6.31
N GLU A 11 -17.55 3.38 5.27
CA GLU A 11 -17.24 2.80 3.96
C GLU A 11 -16.05 3.52 3.34
N LEU A 12 -16.08 4.85 3.40
CA LEU A 12 -14.98 5.65 2.88
C LEU A 12 -13.73 5.44 3.74
N GLN A 13 -13.95 5.11 5.01
CA GLN A 13 -12.85 4.82 5.93
C GLN A 13 -12.19 3.50 5.55
N ARG A 14 -13.03 2.48 5.31
CA ARG A 14 -12.53 1.16 4.91
C ARG A 14 -11.82 1.27 3.57
N LEU A 15 -12.44 1.96 2.63
CA LEU A 15 -11.88 2.15 1.29
C LEU A 15 -10.47 2.76 1.37
N LYS A 16 -10.31 3.71 2.27
CA LYS A 16 -9.03 4.37 2.45
C LYS A 16 -8.06 3.49 3.24
N ASN A 17 -8.53 2.97 4.37
CA ASN A 17 -7.69 2.14 5.26
C ASN A 17 -7.16 0.92 4.51
N GLU A 18 -8.03 0.26 3.77
CA GLU A 18 -7.64 -0.91 3.01
C GLU A 18 -6.59 -0.56 1.97
N ARG A 19 -6.69 0.64 1.39
CA ARG A 19 -5.71 1.06 0.40
C ARG A 19 -4.35 1.33 1.04
N HIS A 20 -4.35 1.73 2.30
CA HIS A 20 -3.09 1.97 3.01
C HIS A 20 -2.33 0.65 3.19
N GLU A 21 -3.08 -0.40 3.48
CA GLU A 21 -2.50 -1.74 3.60
C GLU A 21 -2.01 -2.18 2.23
N GLU A 22 -2.75 -1.79 1.21
CA GLU A 22 -2.43 -2.12 -0.19
C GLU A 22 -1.18 -1.35 -0.62
N ALA A 23 -0.97 -0.18 -0.04
CA ALA A 23 0.14 0.67 -0.41
C ALA A 23 1.41 0.17 0.23
N GLU A 24 1.23 -0.60 1.29
CA GLU A 24 2.37 -1.19 2.00
C GLU A 24 2.97 -2.28 1.13
N LEU A 25 2.10 -3.09 0.55
CA LEU A 25 2.51 -4.16 -0.34
C LEU A 25 3.09 -3.57 -1.63
N GLU A 26 2.49 -2.49 -2.11
CA GLU A 26 2.98 -1.82 -3.30
C GLU A 26 4.31 -1.13 -3.01
N ARG A 27 4.43 -0.55 -1.83
CA ARG A 27 5.67 0.10 -1.38
C ARG A 27 6.79 -0.93 -1.27
N LEU A 28 6.41 -2.14 -0.95
CA LEU A 28 7.37 -3.23 -0.81
C LEU A 28 7.74 -3.78 -2.18
N LYS A 29 6.88 -3.53 -3.15
CA LYS A 29 7.13 -3.97 -4.52
C LYS A 29 7.93 -2.91 -5.25
N SER A 30 7.71 -1.66 -4.85
CA SER A 30 8.32 -0.53 -5.51
C SER A 30 9.77 -0.42 -5.12
N GLU A 31 10.12 -0.99 -3.98
CA GLU A 31 11.50 -0.96 -3.51
C GLU A 31 12.38 -1.80 -4.45
N ARG A 32 11.84 -2.90 -4.92
CA ARG A 32 12.56 -3.77 -5.83
C ARG A 32 12.42 -3.27 -7.26
N HIS A 33 11.24 -2.75 -7.59
CA HIS A 33 10.99 -2.17 -8.89
C HIS A 33 11.76 -0.84 -9.03
N ASP A 34 12.23 -0.33 -7.91
CA ASP A 34 12.99 0.93 -7.88
C ASP A 34 14.37 0.73 -8.47
N HIS A 35 14.77 -0.52 -8.65
CA HIS A 35 16.08 -0.81 -9.21
C HIS A 35 16.19 -0.26 -10.64
N ASP A 36 15.05 -0.09 -11.29
CA ASP A 36 15.02 0.42 -12.66
C ASP A 36 14.98 1.94 -12.71
N LYS A 37 14.21 2.57 -11.81
CA LYS A 37 14.08 4.02 -11.82
C LYS A 37 15.09 4.70 -10.91
N LYS A 38 15.48 4.01 -9.84
CA LYS A 38 16.50 4.46 -8.88
C LYS A 38 16.20 5.84 -8.30
N GLU A 39 14.93 6.17 -8.15
CA GLU A 39 14.55 7.48 -7.65
C GLU A 39 13.15 7.50 -7.09
N ALA A 40 13.03 7.93 -5.83
CA ALA A 40 11.74 8.07 -5.14
C ALA A 40 11.01 6.74 -5.01
N GLU A 41 9.72 6.80 -4.69
CA GLU A 41 8.93 5.60 -4.50
C GLU A 41 7.83 5.49 -5.54
N ARG A 42 7.09 6.57 -5.71
CA ARG A 42 5.97 6.64 -6.59
C ARG A 42 5.54 8.07 -6.71
N LYS A 43 5.46 8.52 -7.90
CA LYS A 43 4.98 9.86 -8.20
C LYS A 43 3.47 9.92 -8.10
N ALA A 44 2.82 8.76 -8.26
CA ALA A 44 1.35 8.67 -8.20
C ALA A 44 0.79 9.26 -6.92
N LEU A 45 1.45 8.98 -5.80
CA LEU A 45 1.00 9.49 -4.50
C LEU A 45 1.23 10.99 -4.39
N GLU A 46 2.38 11.45 -4.89
CA GLU A 46 2.74 12.87 -4.83
C GLU A 46 1.79 13.72 -5.66
N ASP A 47 1.36 13.18 -6.79
CA ASP A 47 0.45 13.90 -7.66
C ASP A 47 -0.98 13.77 -7.17
N LYS A 48 -1.30 12.62 -6.58
CA LYS A 48 -2.65 12.39 -6.06
C LYS A 48 -3.03 13.41 -5.00
N LEU A 49 -2.20 13.55 -3.96
CA LEU A 49 -2.47 14.52 -2.90
C LEU A 49 -2.24 15.97 -3.36
N ALA A 50 -1.95 16.14 -4.63
CA ALA A 50 -1.71 17.44 -5.20
C ALA A 50 -2.84 17.80 -6.15
N ASP A 51 -2.80 18.99 -6.70
CA ASP A 51 -3.80 19.42 -7.64
C ASP A 51 -3.19 20.29 -8.72
N TYR A 52 -3.44 19.93 -9.96
CA TYR A 52 -2.93 20.68 -11.10
C TYR A 52 -3.77 21.92 -11.31
N GLY A 1 -33.14 8.19 1.20
CA GLY A 1 -32.68 7.01 1.98
C GLY A 1 -31.83 7.43 3.16
N SER A 2 -32.27 7.06 4.35
CA SER A 2 -31.54 7.38 5.58
C SER A 2 -30.31 6.49 5.71
N VAL A 3 -30.38 5.31 5.08
CA VAL A 3 -29.27 4.35 5.11
C VAL A 3 -27.95 4.98 4.67
N GLU A 4 -27.99 5.82 3.64
CA GLU A 4 -26.80 6.49 3.11
C GLU A 4 -26.19 7.45 4.13
N LYS A 5 -26.87 7.69 5.22
CA LYS A 5 -26.37 8.56 6.27
C LYS A 5 -26.03 7.74 7.50
N LEU A 6 -26.90 6.79 7.83
CA LEU A 6 -26.70 5.89 8.97
C LEU A 6 -25.49 4.98 8.75
N THR A 7 -25.17 4.72 7.50
CA THR A 7 -24.09 3.85 7.16
C THR A 7 -23.44 4.37 5.86
N ALA A 8 -22.31 5.03 5.99
CA ALA A 8 -21.55 5.52 4.84
C ALA A 8 -20.11 5.80 5.25
N ASP A 9 -19.96 6.38 6.43
CA ASP A 9 -18.64 6.70 6.96
C ASP A 9 -17.82 5.44 7.14
N ALA A 10 -18.50 4.39 7.61
CA ALA A 10 -17.87 3.07 7.80
C ALA A 10 -17.21 2.56 6.52
N GLU A 11 -17.85 2.78 5.38
CA GLU A 11 -17.34 2.29 4.11
C GLU A 11 -16.15 3.10 3.64
N LEU A 12 -16.28 4.42 3.71
CA LEU A 12 -15.19 5.30 3.32
C LEU A 12 -13.97 5.10 4.25
N GLN A 13 -14.24 4.67 5.47
CA GLN A 13 -13.19 4.38 6.45
C GLN A 13 -12.45 3.10 6.05
N ARG A 14 -13.23 2.11 5.58
CA ARG A 14 -12.66 0.84 5.14
C ARG A 14 -11.78 1.05 3.92
N LEU A 15 -12.29 1.85 2.99
CA LEU A 15 -11.56 2.16 1.76
C LEU A 15 -10.29 2.94 2.07
N LYS A 16 -10.32 3.70 3.16
CA LYS A 16 -9.17 4.49 3.58
C LYS A 16 -8.06 3.56 4.07
N ASN A 17 -8.44 2.52 4.80
CA ASN A 17 -7.48 1.52 5.26
C ASN A 17 -6.92 0.76 4.08
N GLU A 18 -7.80 0.33 3.17
CA GLU A 18 -7.41 -0.40 1.98
C GLU A 18 -6.47 0.43 1.11
N ARG A 19 -6.73 1.72 1.04
CA ARG A 19 -5.90 2.63 0.24
C ARG A 19 -4.45 2.58 0.72
N HIS A 20 -4.26 2.71 2.03
CA HIS A 20 -2.92 2.69 2.59
C HIS A 20 -2.34 1.29 2.57
N GLU A 21 -3.21 0.29 2.71
CA GLU A 21 -2.78 -1.10 2.76
C GLU A 21 -2.21 -1.54 1.43
N GLU A 22 -2.87 -1.15 0.36
CA GLU A 22 -2.40 -1.50 -0.96
C GLU A 22 -1.09 -0.80 -1.27
N ALA A 23 -1.07 0.53 -1.13
CA ALA A 23 0.12 1.33 -1.44
C ALA A 23 1.35 0.93 -0.64
N GLU A 24 1.16 0.49 0.61
CA GLU A 24 2.31 0.13 1.43
C GLU A 24 2.88 -1.22 1.00
N LEU A 25 1.98 -2.12 0.63
CA LEU A 25 2.38 -3.43 0.11
C LEU A 25 3.11 -3.25 -1.22
N GLU A 26 2.49 -2.46 -2.10
CA GLU A 26 3.09 -2.14 -3.41
C GLU A 26 4.51 -1.58 -3.24
N ARG A 27 4.69 -0.73 -2.24
CA ARG A 27 6.00 -0.12 -1.96
C ARG A 27 6.97 -1.19 -1.43
N LEU A 28 6.41 -2.23 -0.83
CA LEU A 28 7.20 -3.31 -0.26
C LEU A 28 7.65 -4.26 -1.35
N LYS A 29 6.82 -4.39 -2.38
CA LYS A 29 7.13 -5.22 -3.54
C LYS A 29 8.31 -4.63 -4.29
N SER A 30 8.28 -3.32 -4.48
CA SER A 30 9.35 -2.61 -5.15
C SER A 30 10.63 -2.71 -4.34
N GLU A 31 10.49 -2.66 -3.02
CA GLU A 31 11.63 -2.78 -2.12
C GLU A 31 12.35 -4.10 -2.35
N ARG A 32 11.58 -5.16 -2.52
CA ARG A 32 12.14 -6.48 -2.80
C ARG A 32 12.85 -6.47 -4.15
N HIS A 33 12.16 -5.97 -5.16
CA HIS A 33 12.71 -5.89 -6.53
C HIS A 33 14.06 -5.15 -6.55
N ASP A 34 14.16 -4.13 -5.74
CA ASP A 34 15.35 -3.28 -5.73
C ASP A 34 16.47 -3.81 -4.84
N HIS A 35 16.21 -4.89 -4.09
CA HIS A 35 17.22 -5.46 -3.17
C HIS A 35 18.59 -5.67 -3.86
N ASP A 36 18.56 -6.11 -5.13
CA ASP A 36 19.80 -6.35 -5.87
C ASP A 36 20.44 -5.03 -6.28
N LYS A 37 19.60 -4.06 -6.61
CA LYS A 37 20.06 -2.72 -7.04
C LYS A 37 20.74 -1.99 -5.89
N LYS A 38 20.16 -2.11 -4.70
CA LYS A 38 20.73 -1.47 -3.51
C LYS A 38 22.09 -2.07 -3.20
N GLU A 39 22.22 -3.36 -3.48
CA GLU A 39 23.47 -4.08 -3.27
C GLU A 39 24.54 -3.58 -4.25
N ALA A 40 24.17 -3.54 -5.54
CA ALA A 40 25.06 -3.08 -6.59
C ALA A 40 24.35 -3.14 -7.94
N GLU A 41 25.10 -3.13 -9.02
CA GLU A 41 24.51 -3.24 -10.35
C GLU A 41 24.16 -4.70 -10.62
N ARG A 42 25.06 -5.57 -10.20
CA ARG A 42 24.88 -6.97 -10.30
C ARG A 42 26.02 -7.59 -9.52
N LYS A 43 25.68 -8.38 -8.55
CA LYS A 43 26.66 -9.01 -7.67
C LYS A 43 27.57 -9.98 -8.41
N ALA A 44 27.19 -10.35 -9.64
CA ALA A 44 28.00 -11.25 -10.46
C ALA A 44 29.42 -10.75 -10.59
N LEU A 45 29.58 -9.43 -10.68
CA LEU A 45 30.90 -8.81 -10.79
C LEU A 45 31.65 -8.90 -9.48
N GLU A 46 30.92 -8.75 -8.38
CA GLU A 46 31.52 -8.82 -7.04
C GLU A 46 31.89 -10.25 -6.71
N ASP A 47 31.03 -11.21 -7.10
CA ASP A 47 31.31 -12.62 -6.88
C ASP A 47 32.53 -13.03 -7.66
N LYS A 48 32.62 -12.53 -8.90
CA LYS A 48 33.77 -12.77 -9.76
C LYS A 48 35.05 -12.32 -9.04
N LEU A 49 35.02 -11.08 -8.52
CA LEU A 49 36.09 -10.54 -7.66
C LEU A 49 37.44 -10.37 -8.39
N ALA A 50 37.49 -10.68 -9.67
CA ALA A 50 38.73 -10.56 -10.41
C ALA A 50 38.50 -9.86 -11.73
N ASP A 51 39.41 -8.96 -12.07
CA ASP A 51 39.33 -8.23 -13.31
C ASP A 51 40.73 -7.83 -13.75
N TYR A 52 40.93 -7.71 -15.05
CA TYR A 52 42.22 -7.37 -15.58
C TYR A 52 42.27 -5.91 -15.94
N GLY A 1 -27.21 -3.10 0.86
CA GLY A 1 -26.17 -2.28 1.50
C GLY A 1 -26.60 -1.75 2.85
N SER A 2 -27.34 -0.64 2.84
CA SER A 2 -27.84 0.00 4.07
C SER A 2 -26.69 0.59 4.90
N VAL A 3 -25.52 0.68 4.30
CA VAL A 3 -24.34 1.22 4.95
C VAL A 3 -24.41 2.76 4.89
N GLU A 4 -25.47 3.33 5.48
CA GLU A 4 -25.68 4.76 5.47
C GLU A 4 -26.35 5.20 6.76
N LYS A 5 -27.45 4.55 7.10
CA LYS A 5 -28.18 4.85 8.32
C LYS A 5 -27.37 4.39 9.51
N LEU A 6 -26.59 3.34 9.29
CA LEU A 6 -25.74 2.81 10.32
C LEU A 6 -24.43 3.62 10.42
N THR A 7 -23.52 3.42 9.45
CA THR A 7 -22.27 4.08 9.43
C THR A 7 -21.83 4.21 7.97
N ALA A 8 -21.95 5.38 7.38
CA ALA A 8 -21.47 5.56 6.02
C ALA A 8 -19.97 5.84 6.06
N ASP A 9 -19.58 6.58 7.08
CA ASP A 9 -18.18 6.97 7.26
C ASP A 9 -17.29 5.75 7.44
N ALA A 10 -17.82 4.76 8.11
CA ALA A 10 -17.10 3.50 8.38
C ALA A 10 -16.72 2.79 7.10
N GLU A 11 -17.49 3.01 6.04
CA GLU A 11 -17.21 2.37 4.77
C GLU A 11 -16.21 3.20 3.99
N LEU A 12 -16.15 4.47 4.34
CA LEU A 12 -15.24 5.41 3.69
C LEU A 12 -13.83 5.15 4.21
N GLN A 13 -13.74 5.01 5.53
CA GLN A 13 -12.47 4.71 6.17
C GLN A 13 -12.01 3.32 5.75
N ARG A 14 -12.98 2.44 5.51
CA ARG A 14 -12.69 1.08 5.06
C ARG A 14 -11.97 1.11 3.71
N LEU A 15 -12.43 1.99 2.83
CA LEU A 15 -11.81 2.14 1.50
C LEU A 15 -10.44 2.77 1.64
N LYS A 16 -10.32 3.65 2.63
CA LYS A 16 -9.05 4.30 2.91
C LYS A 16 -8.03 3.27 3.38
N ASN A 17 -8.49 2.37 4.26
CA ASN A 17 -7.65 1.28 4.75
C ASN A 17 -7.25 0.37 3.61
N GLU A 18 -8.21 0.09 2.74
CA GLU A 18 -7.98 -0.76 1.58
C GLU A 18 -6.88 -0.15 0.71
N ARG A 19 -6.98 1.16 0.47
CA ARG A 19 -5.97 1.88 -0.31
C ARG A 19 -4.65 1.91 0.42
N HIS A 20 -4.70 2.26 1.71
CA HIS A 20 -3.49 2.32 2.55
C HIS A 20 -2.73 0.99 2.51
N GLU A 21 -3.46 -0.10 2.70
CA GLU A 21 -2.85 -1.44 2.68
C GLU A 21 -2.20 -1.74 1.32
N GLU A 22 -2.89 -1.40 0.24
CA GLU A 22 -2.39 -1.64 -1.13
C GLU A 22 -1.24 -0.68 -1.46
N ALA A 23 -1.15 0.40 -0.72
CA ALA A 23 -0.12 1.41 -0.94
C ALA A 23 1.19 0.96 -0.35
N GLU A 24 1.14 0.46 0.87
CA GLU A 24 2.32 -0.04 1.54
C GLU A 24 2.82 -1.31 0.86
N LEU A 25 1.87 -2.15 0.47
CA LEU A 25 2.19 -3.39 -0.25
C LEU A 25 2.98 -3.07 -1.53
N GLU A 26 2.63 -1.97 -2.17
CA GLU A 26 3.32 -1.53 -3.38
C GLU A 26 4.77 -1.18 -3.07
N ARG A 27 4.97 -0.48 -1.95
CA ARG A 27 6.31 -0.10 -1.53
C ARG A 27 7.10 -1.33 -1.09
N LEU A 28 6.40 -2.27 -0.48
CA LEU A 28 7.01 -3.53 -0.01
C LEU A 28 7.59 -4.28 -1.21
N LYS A 29 6.82 -4.36 -2.28
CA LYS A 29 7.27 -4.99 -3.51
C LYS A 29 8.44 -4.21 -4.11
N SER A 30 8.27 -2.89 -4.18
CA SER A 30 9.34 -1.98 -4.63
C SER A 30 10.68 -2.33 -4.00
N GLU A 31 10.71 -2.50 -2.68
CA GLU A 31 11.95 -2.83 -1.96
C GLU A 31 12.65 -4.04 -2.57
N ARG A 32 11.90 -5.10 -2.82
CA ARG A 32 12.46 -6.32 -3.42
C ARG A 32 13.03 -6.03 -4.82
N HIS A 33 12.38 -5.12 -5.54
CA HIS A 33 12.81 -4.75 -6.89
C HIS A 33 14.06 -3.87 -6.84
N ASP A 34 14.05 -2.91 -5.91
CA ASP A 34 15.18 -1.99 -5.73
C ASP A 34 16.42 -2.71 -5.22
N HIS A 35 16.24 -3.97 -4.86
CA HIS A 35 17.34 -4.79 -4.35
C HIS A 35 17.99 -5.51 -5.52
N ASP A 36 17.30 -5.50 -6.65
CA ASP A 36 17.79 -6.12 -7.88
C ASP A 36 18.42 -5.07 -8.78
N LYS A 37 18.00 -3.82 -8.58
CA LYS A 37 18.46 -2.70 -9.39
C LYS A 37 19.86 -2.30 -8.98
N LYS A 38 20.23 -2.65 -7.76
CA LYS A 38 21.55 -2.34 -7.25
C LYS A 38 22.56 -3.35 -7.78
N GLU A 39 22.81 -3.28 -9.06
CA GLU A 39 23.78 -4.14 -9.71
C GLU A 39 25.17 -3.48 -9.76
N ALA A 40 26.15 -4.21 -10.32
CA ALA A 40 27.53 -3.72 -10.47
C ALA A 40 28.19 -3.42 -9.10
N GLU A 41 28.84 -4.43 -8.47
CA GLU A 41 29.49 -4.25 -7.16
C GLU A 41 28.48 -3.94 -6.10
N ARG A 42 27.83 -4.99 -5.61
CA ARG A 42 26.81 -4.87 -4.64
C ARG A 42 26.46 -6.25 -4.18
N LYS A 43 26.47 -6.41 -2.89
CA LYS A 43 26.08 -7.69 -2.26
C LYS A 43 24.65 -8.10 -2.67
N ALA A 44 23.86 -7.11 -3.11
CA ALA A 44 22.50 -7.36 -3.61
C ALA A 44 22.51 -8.39 -4.73
N LEU A 45 23.60 -8.43 -5.51
CA LEU A 45 23.78 -9.40 -6.62
C LEU A 45 23.69 -10.85 -6.12
N GLU A 46 23.77 -11.04 -4.82
CA GLU A 46 23.72 -12.37 -4.25
C GLU A 46 22.28 -12.87 -4.25
N ASP A 47 21.34 -11.94 -4.03
CA ASP A 47 19.92 -12.29 -3.98
C ASP A 47 19.26 -12.04 -5.34
N LYS A 48 19.54 -10.86 -5.90
CA LYS A 48 18.94 -10.41 -7.15
C LYS A 48 17.38 -10.49 -7.06
N LEU A 49 16.67 -10.45 -8.19
CA LEU A 49 15.20 -10.55 -8.16
C LEU A 49 14.76 -12.00 -8.46
N ALA A 50 15.67 -12.92 -8.31
CA ALA A 50 15.36 -14.32 -8.61
C ALA A 50 15.81 -15.25 -7.49
N ASP A 51 17.04 -15.01 -6.99
CA ASP A 51 17.65 -15.85 -5.93
C ASP A 51 17.99 -17.22 -6.49
N TYR A 52 19.25 -17.60 -6.39
CA TYR A 52 19.69 -18.85 -6.97
C TYR A 52 20.54 -19.62 -5.97
N GLY A 1 -32.03 8.93 4.41
CA GLY A 1 -30.89 8.69 3.51
C GLY A 1 -30.95 7.31 2.89
N SER A 2 -30.68 7.23 1.61
CA SER A 2 -30.72 5.97 0.90
C SER A 2 -29.35 5.28 0.91
N VAL A 3 -28.29 6.05 0.72
CA VAL A 3 -26.94 5.49 0.68
C VAL A 3 -26.35 5.37 2.09
N GLU A 4 -27.05 5.96 3.05
CA GLU A 4 -26.60 5.95 4.44
C GLU A 4 -26.63 4.54 5.01
N LYS A 5 -27.83 3.97 5.18
CA LYS A 5 -27.96 2.60 5.70
C LYS A 5 -27.41 2.53 7.11
N LEU A 6 -27.40 3.70 7.78
CA LEU A 6 -26.92 3.87 9.16
C LEU A 6 -25.41 3.95 9.24
N THR A 7 -24.71 3.46 8.23
CA THR A 7 -23.30 3.46 8.25
C THR A 7 -22.75 3.49 6.79
N ALA A 8 -22.33 4.65 6.35
CA ALA A 8 -21.65 4.76 5.06
C ALA A 8 -20.26 5.32 5.26
N ASP A 9 -20.09 6.06 6.35
CA ASP A 9 -18.80 6.70 6.66
C ASP A 9 -17.76 5.66 7.02
N ALA A 10 -18.19 4.64 7.74
CA ALA A 10 -17.30 3.55 8.16
C ALA A 10 -16.80 2.75 6.96
N GLU A 11 -17.55 2.76 5.87
CA GLU A 11 -17.15 2.02 4.67
C GLU A 11 -16.14 2.81 3.89
N LEU A 12 -16.43 4.10 3.70
CA LEU A 12 -15.51 4.99 2.99
C LEU A 12 -14.20 5.12 3.75
N GLN A 13 -14.26 4.94 5.07
CA GLN A 13 -13.05 4.99 5.89
C GLN A 13 -12.29 3.67 5.76
N ARG A 14 -13.04 2.56 5.67
CA ARG A 14 -12.44 1.24 5.46
C ARG A 14 -11.73 1.25 4.11
N LEU A 15 -12.34 1.92 3.17
CA LEU A 15 -11.78 2.08 1.83
C LEU A 15 -10.46 2.84 1.90
N LYS A 16 -10.40 3.82 2.79
CA LYS A 16 -9.18 4.61 3.00
C LYS A 16 -8.09 3.73 3.59
N ASN A 17 -8.50 2.83 4.48
CA ASN A 17 -7.58 1.90 5.14
C ASN A 17 -7.06 0.93 4.10
N GLU A 18 -7.98 0.37 3.32
CA GLU A 18 -7.65 -0.58 2.27
C GLU A 18 -6.68 0.05 1.27
N ARG A 19 -6.88 1.34 1.02
CA ARG A 19 -6.02 2.07 0.10
C ARG A 19 -4.57 2.09 0.61
N HIS A 20 -4.42 2.28 1.91
CA HIS A 20 -3.10 2.29 2.54
C HIS A 20 -2.49 0.90 2.54
N GLU A 21 -3.33 -0.12 2.70
CA GLU A 21 -2.86 -1.50 2.68
C GLU A 21 -2.27 -1.85 1.33
N GLU A 22 -2.91 -1.38 0.27
CA GLU A 22 -2.44 -1.64 -1.07
C GLU A 22 -1.19 -0.83 -1.36
N ALA A 23 -1.06 0.33 -0.70
CA ALA A 23 0.11 1.20 -0.92
C ALA A 23 1.31 0.65 -0.17
N GLU A 24 1.03 -0.17 0.84
CA GLU A 24 2.08 -0.82 1.59
C GLU A 24 2.70 -1.87 0.70
N LEU A 25 1.85 -2.65 0.05
CA LEU A 25 2.29 -3.69 -0.88
C LEU A 25 3.06 -3.06 -2.04
N GLU A 26 2.60 -1.89 -2.47
CA GLU A 26 3.29 -1.12 -3.52
C GLU A 26 4.76 -0.89 -3.12
N ARG A 27 4.94 -0.29 -1.96
CA ARG A 27 6.29 0.00 -1.44
C ARG A 27 7.03 -1.30 -1.13
N LEU A 28 6.30 -2.29 -0.64
CA LEU A 28 6.87 -3.57 -0.27
C LEU A 28 7.52 -4.26 -1.48
N LYS A 29 6.78 -4.32 -2.59
CA LYS A 29 7.28 -4.95 -3.80
C LYS A 29 8.45 -4.17 -4.39
N SER A 30 8.54 -2.89 -4.05
CA SER A 30 9.60 -2.04 -4.56
C SER A 30 10.91 -2.29 -3.79
N GLU A 31 10.78 -2.58 -2.51
CA GLU A 31 11.94 -2.84 -1.68
C GLU A 31 12.38 -4.29 -1.79
N ARG A 32 11.43 -5.20 -1.58
CA ARG A 32 11.68 -6.64 -1.65
C ARG A 32 12.17 -7.05 -3.04
N HIS A 33 11.93 -6.20 -4.03
CA HIS A 33 12.32 -6.45 -5.42
C HIS A 33 13.79 -6.86 -5.56
N ASP A 34 14.65 -6.31 -4.70
CA ASP A 34 16.10 -6.63 -4.74
C ASP A 34 16.42 -7.83 -3.85
N HIS A 35 15.44 -8.23 -3.08
CA HIS A 35 15.60 -9.35 -2.15
C HIS A 35 15.15 -10.65 -2.79
N ASP A 36 14.57 -10.54 -3.99
CA ASP A 36 14.05 -11.70 -4.71
C ASP A 36 15.17 -12.68 -5.05
N LYS A 37 16.32 -12.12 -5.42
CA LYS A 37 17.46 -12.96 -5.79
C LYS A 37 17.99 -13.72 -4.58
N LYS A 38 17.75 -13.18 -3.40
CA LYS A 38 18.22 -13.80 -2.16
C LYS A 38 17.25 -14.89 -1.72
N GLU A 39 15.96 -14.56 -1.73
CA GLU A 39 14.93 -15.51 -1.34
C GLU A 39 13.55 -14.89 -1.58
N ALA A 40 12.56 -15.74 -1.81
CA ALA A 40 11.20 -15.27 -2.04
C ALA A 40 10.57 -14.77 -0.71
N GLU A 41 10.17 -13.50 -0.62
CA GLU A 41 9.58 -12.98 0.62
C GLU A 41 8.07 -12.79 0.48
N ARG A 42 7.54 -13.10 -0.68
CA ARG A 42 6.18 -12.93 -0.97
C ARG A 42 5.95 -13.57 -2.31
N LYS A 43 4.80 -14.11 -2.48
CA LYS A 43 4.38 -14.75 -3.75
C LYS A 43 4.77 -13.91 -4.96
N ALA A 44 4.54 -12.59 -4.86
CA ALA A 44 4.88 -11.65 -5.94
C ALA A 44 6.35 -11.81 -6.37
N LEU A 45 7.24 -12.04 -5.41
CA LEU A 45 8.66 -12.21 -5.69
C LEU A 45 8.95 -13.64 -6.11
N GLU A 46 8.25 -14.58 -5.50
CA GLU A 46 8.41 -16.01 -5.82
C GLU A 46 8.03 -16.25 -7.28
N ASP A 47 6.98 -15.58 -7.72
CA ASP A 47 6.50 -15.67 -9.11
C ASP A 47 7.56 -15.11 -10.06
N LYS A 48 8.11 -13.96 -9.69
CA LYS A 48 9.20 -13.35 -10.45
C LYS A 48 10.33 -14.35 -10.70
N LEU A 49 10.76 -15.04 -9.65
CA LEU A 49 11.78 -16.06 -9.77
C LEU A 49 11.28 -17.25 -10.60
N ALA A 50 10.21 -17.87 -10.12
CA ALA A 50 9.58 -19.03 -10.76
C ALA A 50 9.21 -18.76 -12.22
N ASP A 51 10.09 -19.14 -13.12
CA ASP A 51 9.84 -18.95 -14.53
C ASP A 51 9.10 -20.14 -15.12
N TYR A 52 7.80 -20.01 -15.17
CA TYR A 52 6.95 -21.03 -15.75
C TYR A 52 6.09 -20.40 -16.84
N GLY A 1 -27.08 -4.10 4.95
CA GLY A 1 -26.01 -3.19 5.38
C GLY A 1 -26.52 -2.12 6.31
N SER A 2 -26.79 -2.50 7.56
CA SER A 2 -27.31 -1.59 8.55
C SER A 2 -26.27 -0.53 8.92
N VAL A 3 -25.05 -0.98 9.22
CA VAL A 3 -23.96 -0.08 9.60
C VAL A 3 -23.59 0.82 8.43
N GLU A 4 -23.68 0.25 7.24
CA GLU A 4 -23.37 0.97 5.99
C GLU A 4 -24.27 2.19 5.83
N LYS A 5 -25.53 2.02 6.17
CA LYS A 5 -26.50 3.09 6.05
C LYS A 5 -26.37 4.06 7.22
N LEU A 6 -26.36 3.51 8.43
CA LEU A 6 -26.25 4.31 9.65
C LEU A 6 -24.97 5.13 9.70
N THR A 7 -23.92 4.63 9.09
CA THR A 7 -22.67 5.29 9.08
C THR A 7 -21.97 5.02 7.75
N ALA A 8 -22.04 5.97 6.81
CA ALA A 8 -21.33 5.83 5.53
C ALA A 8 -19.86 6.12 5.72
N ASP A 9 -19.54 6.81 6.81
CA ASP A 9 -18.15 7.13 7.16
C ASP A 9 -17.37 5.84 7.34
N ALA A 10 -18.05 4.84 7.87
CA ALA A 10 -17.47 3.51 8.06
C ALA A 10 -16.99 2.90 6.73
N GLU A 11 -17.73 3.18 5.67
CA GLU A 11 -17.37 2.67 4.34
C GLU A 11 -16.14 3.40 3.84
N LEU A 12 -16.08 4.70 4.13
CA LEU A 12 -14.92 5.52 3.79
C LEU A 12 -13.68 4.95 4.46
N GLN A 13 -13.81 4.59 5.74
CA GLN A 13 -12.72 4.00 6.49
C GLN A 13 -12.20 2.74 5.82
N ARG A 14 -13.12 1.91 5.34
CA ARG A 14 -12.74 0.68 4.65
C ARG A 14 -11.90 1.00 3.42
N LEU A 15 -12.33 1.99 2.67
CA LEU A 15 -11.62 2.42 1.46
C LEU A 15 -10.25 3.01 1.83
N LYS A 16 -10.26 3.97 2.76
CA LYS A 16 -9.04 4.65 3.20
C LYS A 16 -7.99 3.65 3.72
N ASN A 17 -8.43 2.71 4.54
CA ASN A 17 -7.52 1.74 5.14
C ASN A 17 -7.01 0.74 4.11
N GLU A 18 -7.93 0.20 3.32
CA GLU A 18 -7.59 -0.82 2.33
C GLU A 18 -6.60 -0.28 1.29
N ARG A 19 -6.91 0.88 0.71
CA ARG A 19 -6.05 1.44 -0.32
C ARG A 19 -4.68 1.78 0.26
N HIS A 20 -4.66 2.30 1.49
CA HIS A 20 -3.40 2.61 2.18
C HIS A 20 -2.60 1.32 2.39
N GLU A 21 -3.29 0.24 2.72
CA GLU A 21 -2.64 -1.06 2.90
C GLU A 21 -2.07 -1.55 1.58
N GLU A 22 -2.82 -1.34 0.52
CA GLU A 22 -2.37 -1.72 -0.82
C GLU A 22 -1.14 -0.92 -1.19
N ALA A 23 -1.22 0.41 -1.02
CA ALA A 23 -0.07 1.30 -1.26
C ALA A 23 1.15 0.91 -0.42
N GLU A 24 0.92 0.14 0.64
CA GLU A 24 2.01 -0.34 1.46
C GLU A 24 2.66 -1.54 0.78
N LEU A 25 1.84 -2.47 0.32
CA LEU A 25 2.33 -3.65 -0.43
C LEU A 25 3.06 -3.17 -1.69
N GLU A 26 2.52 -2.13 -2.29
CA GLU A 26 3.14 -1.50 -3.47
C GLU A 26 4.56 -1.05 -3.14
N ARG A 27 4.74 -0.54 -1.94
CA ARG A 27 6.05 -0.08 -1.46
C ARG A 27 6.91 -1.26 -1.04
N LEU A 28 6.28 -2.27 -0.47
CA LEU A 28 7.00 -3.46 -0.01
C LEU A 28 7.68 -4.14 -1.18
N LYS A 29 6.93 -4.33 -2.26
CA LYS A 29 7.45 -4.95 -3.47
C LYS A 29 8.58 -4.12 -4.08
N SER A 30 8.28 -2.86 -4.37
CA SER A 30 9.26 -1.95 -4.95
C SER A 30 10.53 -1.86 -4.09
N GLU A 31 10.35 -1.69 -2.78
CA GLU A 31 11.48 -1.61 -1.86
C GLU A 31 12.32 -2.88 -1.92
N ARG A 32 11.67 -4.03 -1.79
CA ARG A 32 12.36 -5.32 -1.80
C ARG A 32 13.14 -5.51 -3.10
N HIS A 33 12.53 -5.16 -4.22
CA HIS A 33 13.18 -5.34 -5.52
C HIS A 33 14.27 -4.28 -5.72
N ASP A 34 14.09 -3.13 -5.10
CA ASP A 34 15.07 -2.05 -5.21
C ASP A 34 16.17 -2.23 -4.17
N HIS A 35 15.93 -3.16 -3.25
CA HIS A 35 16.87 -3.46 -2.14
C HIS A 35 18.18 -4.04 -2.68
N ASP A 36 18.19 -4.33 -3.98
CA ASP A 36 19.39 -4.83 -4.64
C ASP A 36 20.37 -3.71 -4.91
N LYS A 37 19.92 -2.48 -4.72
CA LYS A 37 20.79 -1.33 -4.91
C LYS A 37 20.51 -0.26 -3.86
N LYS A 38 19.26 0.13 -3.70
CA LYS A 38 18.88 1.15 -2.74
C LYS A 38 17.86 0.59 -1.76
N GLU A 39 18.29 0.32 -0.56
CA GLU A 39 17.42 -0.26 0.45
C GLU A 39 16.42 0.76 1.01
N ALA A 40 16.86 2.00 1.15
CA ALA A 40 16.03 3.04 1.72
C ALA A 40 16.33 4.39 1.06
N GLU A 41 16.12 4.49 -0.26
CA GLU A 41 16.38 5.71 -0.97
C GLU A 41 15.58 5.73 -2.25
N ARG A 42 14.39 6.27 -2.16
CA ARG A 42 13.50 6.40 -3.26
C ARG A 42 12.79 7.71 -3.15
N LYS A 43 12.91 8.45 -4.18
CA LYS A 43 12.29 9.76 -4.30
C LYS A 43 10.83 9.62 -4.69
N ALA A 44 10.48 8.48 -5.24
CA ALA A 44 9.10 8.25 -5.72
C ALA A 44 8.14 8.05 -4.56
N LEU A 45 8.61 7.39 -3.51
CA LEU A 45 7.77 7.09 -2.36
C LEU A 45 7.80 8.24 -1.36
N GLU A 46 8.77 9.11 -1.53
CA GLU A 46 8.94 10.25 -0.62
C GLU A 46 8.10 11.42 -1.12
N ASP A 47 7.81 11.40 -2.43
CA ASP A 47 7.06 12.49 -3.09
C ASP A 47 5.68 12.70 -2.48
N LYS A 48 5.02 11.62 -2.12
CA LYS A 48 3.68 11.72 -1.59
C LYS A 48 3.51 10.70 -0.44
N LEU A 49 2.57 10.96 0.51
CA LEU A 49 2.40 10.07 1.67
C LEU A 49 1.84 8.72 1.24
N ALA A 50 0.63 8.73 0.71
CA ALA A 50 0.00 7.51 0.28
C ALA A 50 0.51 7.10 -1.08
N ASP A 51 0.76 8.12 -1.93
CA ASP A 51 1.20 7.93 -3.32
C ASP A 51 0.35 6.90 -4.04
N TYR A 52 -0.68 7.37 -4.70
CA TYR A 52 -1.61 6.49 -5.37
C TYR A 52 -1.21 6.34 -6.83
#